data_1FAE
#
_entry.id   1FAE
#
_cell.length_a   61.440
_cell.length_b   84.690
_cell.length_c   121.750
_cell.angle_alpha   90.00
_cell.angle_beta   90.00
_cell.angle_gamma   90.00
#
_symmetry.space_group_name_H-M   'P 21 21 21'
#
loop_
_entity.id
_entity.type
_entity.pdbx_description
1 polymer 'ENDO-1,4-BETA-GLUCANASE F'
2 branched alpha-D-glucopyranose-(1-4)-alpha-D-glucopyranose
3 non-polymer 'CALCIUM ION'
4 water water
#
_entity_poly.entity_id   1
_entity_poly.type   'polypeptide(L)'
_entity_poly.pdbx_seq_one_letter_code
;ASSPANKVYQDRFESMYSKIKDPANGYFSEQGIPYHSIETLMVEAPDYGHVTTSEAMSYYMWLEAMHGRFSGDFTGFDKS
WSVTEQYLIPTEKDQPNTSMSRYDANKPATYAPEFQDPSKYPSPLDTSQPVGRDPINSQLTSAYGTSMLYGMHWILDVDN
WYGFGARADGTSKPSYINTFQRGEQESTWETIPQPCWDEHKFGGQYGFLDLFTKDTGTPAKQFKYTNAPDADARAVQATY
WADQWAKEQGKSVSTSVGKATKMGDYLRYSFFDKYFRKIGQPSQAGTGYDAAHYLLSWYYAWGGGIDSTWSWIIGSSHNH
FGYQNPFAAWVLSTDANFKPKSSNGASDWAKSLDRQLEFYQWLQSAEGAIAGGATNSWNGRYEAVPSGTSTFYGMGYVEN
PVYADPGSNTWFGMQVWSMQRVAELYYKTGDARAKKLLDKWAKWINGEIKFNADGTFQIPSTIDWEGQPDTWNPTQGYTG
NANLHVKVVNYGTDLGCASSLANTLTYYAAKSGDETSRQNAQKLLDAMWNNYSDSKGISTVEQRGDYHRFLDQEVFVPAG
WTGKMPNGDVIKSGVKFIDIRSKYKQDPEWQTMVAALQAGQVPTQRLHRFWAQSEFAVANGVYAILFPD
;
_entity_poly.pdbx_strand_id   A
#
loop_
_chem_comp.id
_chem_comp.type
_chem_comp.name
_chem_comp.formula
CA non-polymer 'CALCIUM ION' 'Ca 2'
GLC D-saccharide, alpha linking alpha-D-glucopyranose 'C6 H12 O6'
#
# COMPACT_ATOMS: atom_id res chain seq x y z
N ALA A 1 -10.85 -26.55 19.60
CA ALA A 1 -11.98 -26.37 18.64
C ALA A 1 -12.40 -24.90 18.53
N SER A 2 -12.55 -24.43 17.29
CA SER A 2 -12.97 -23.06 17.04
C SER A 2 -14.43 -22.87 17.46
N SER A 3 -14.72 -21.64 17.89
CA SER A 3 -16.06 -21.25 18.31
C SER A 3 -17.03 -21.34 17.11
N PRO A 4 -18.32 -21.58 17.39
CA PRO A 4 -19.34 -21.68 16.33
C PRO A 4 -19.51 -20.36 15.57
N ALA A 5 -19.75 -20.44 14.27
CA ALA A 5 -19.92 -19.23 13.47
C ALA A 5 -21.33 -19.15 12.86
N ASN A 6 -21.81 -17.91 12.66
CA ASN A 6 -23.12 -17.66 12.07
C ASN A 6 -23.13 -18.29 10.69
N LYS A 7 -23.93 -19.35 10.54
CA LYS A 7 -24.02 -20.10 9.28
C LYS A 7 -24.37 -19.29 8.02
N VAL A 8 -25.24 -18.30 8.15
CA VAL A 8 -25.63 -17.49 7.01
C VAL A 8 -24.42 -16.76 6.38
N TYR A 9 -23.67 -16.03 7.21
CA TYR A 9 -22.50 -15.28 6.75
C TYR A 9 -21.30 -16.16 6.41
N GLN A 10 -21.19 -17.31 7.07
CA GLN A 10 -20.11 -18.24 6.77
C GLN A 10 -20.35 -18.77 5.34
N ASP A 11 -21.61 -19.06 4.99
CA ASP A 11 -21.96 -19.55 3.66
C ASP A 11 -21.64 -18.53 2.56
N ARG A 12 -21.82 -17.24 2.88
CA ARG A 12 -21.53 -16.17 1.93
C ARG A 12 -20.02 -16.09 1.69
N PHE A 13 -19.23 -16.25 2.76
CA PHE A 13 -17.79 -16.26 2.62
C PHE A 13 -17.39 -17.42 1.68
N GLU A 14 -17.89 -18.62 1.97
CA GLU A 14 -17.56 -19.81 1.16
C GLU A 14 -17.93 -19.68 -0.31
N SER A 15 -19.09 -19.06 -0.57
CA SER A 15 -19.55 -18.83 -1.93
C SER A 15 -18.58 -17.86 -2.65
N MET A 16 -18.21 -16.78 -1.96
CA MET A 16 -17.29 -15.79 -2.51
C MET A 16 -15.91 -16.43 -2.71
N TYR A 17 -15.48 -17.24 -1.75
CA TYR A 17 -14.19 -17.89 -1.85
C TYR A 17 -14.17 -18.79 -3.10
N SER A 18 -15.27 -19.48 -3.35
CA SER A 18 -15.37 -20.36 -4.52
C SER A 18 -15.34 -19.55 -5.80
N LYS A 19 -16.00 -18.39 -5.79
CA LYS A 19 -16.02 -17.55 -6.99
C LYS A 19 -14.64 -16.96 -7.28
N ILE A 20 -13.94 -16.52 -6.23
CA ILE A 20 -12.60 -15.96 -6.40
C ILE A 20 -11.58 -16.98 -6.88
N LYS A 21 -11.66 -18.22 -6.38
CA LYS A 21 -10.71 -19.26 -6.78
C LYS A 21 -11.11 -20.04 -8.04
N ASP A 22 -12.32 -19.77 -8.54
CA ASP A 22 -12.83 -20.45 -9.75
C ASP A 22 -11.96 -20.12 -10.97
N PRO A 23 -11.27 -21.12 -11.54
CA PRO A 23 -10.43 -20.83 -12.72
C PRO A 23 -11.19 -20.22 -13.91
N ALA A 24 -12.49 -20.45 -13.97
CA ALA A 24 -13.31 -19.91 -15.04
C ALA A 24 -13.53 -18.40 -14.86
N ASN A 25 -13.30 -17.89 -13.66
CA ASN A 25 -13.48 -16.46 -13.40
C ASN A 25 -12.26 -15.58 -13.74
N GLY A 26 -11.10 -16.21 -13.85
CA GLY A 26 -9.88 -15.50 -14.22
C GLY A 26 -9.24 -14.50 -13.27
N TYR A 27 -9.37 -14.70 -11.96
CA TYR A 27 -8.75 -13.80 -10.99
C TYR A 27 -7.24 -14.05 -10.87
N PHE A 28 -6.80 -15.25 -11.22
CA PHE A 28 -5.38 -15.60 -11.11
C PHE A 28 -4.72 -15.89 -12.44
N SER A 29 -3.40 -15.70 -12.48
CA SER A 29 -2.61 -15.99 -13.67
C SER A 29 -2.32 -17.51 -13.65
N GLU A 30 -1.69 -18.04 -14.71
CA GLU A 30 -1.37 -19.46 -14.74
C GLU A 30 -0.34 -19.86 -13.68
N GLN A 31 0.42 -18.88 -13.19
CA GLN A 31 1.42 -19.14 -12.15
C GLN A 31 0.84 -19.04 -10.73
N GLY A 32 -0.45 -18.74 -10.62
CA GLY A 32 -1.09 -18.65 -9.33
C GLY A 32 -1.03 -17.29 -8.66
N ILE A 33 -0.73 -16.27 -9.46
CA ILE A 33 -0.63 -14.90 -8.96
C ILE A 33 -1.94 -14.15 -9.21
N PRO A 34 -2.52 -13.53 -8.16
CA PRO A 34 -3.77 -12.81 -8.37
C PRO A 34 -3.51 -11.49 -9.11
N TYR A 35 -4.38 -11.14 -10.06
CA TYR A 35 -4.27 -9.88 -10.79
C TYR A 35 -4.93 -8.77 -9.96
N HIS A 36 -4.66 -7.50 -10.30
CA HIS A 36 -5.30 -6.37 -9.61
C HIS A 36 -6.82 -6.46 -9.86
N SER A 37 -7.20 -6.78 -11.10
CA SER A 37 -8.62 -6.92 -11.46
C SER A 37 -8.76 -7.90 -12.63
N ILE A 38 -9.93 -8.49 -12.78
CA ILE A 38 -10.17 -9.42 -13.90
C ILE A 38 -10.06 -8.61 -15.20
N GLU A 39 -10.69 -7.45 -15.23
CA GLU A 39 -10.68 -6.57 -16.39
C GLU A 39 -9.29 -5.96 -16.61
N THR A 40 -8.85 -5.90 -17.86
CA THR A 40 -7.53 -5.36 -18.20
C THR A 40 -7.43 -3.84 -18.37
N LEU A 41 -8.50 -3.20 -18.87
CA LEU A 41 -8.52 -1.74 -19.06
C LEU A 41 -8.72 -1.14 -17.68
N MET A 42 -7.62 -0.94 -16.98
CA MET A 42 -7.67 -0.47 -15.60
C MET A 42 -6.50 0.47 -15.25
N VAL A 43 -6.84 1.70 -14.87
CA VAL A 43 -5.83 2.68 -14.46
C VAL A 43 -6.30 3.40 -13.21
N GLU A 44 -5.55 3.29 -12.11
CA GLU A 44 -5.91 3.97 -10.86
C GLU A 44 -4.76 4.13 -9.88
N ALA A 45 -3.95 3.09 -9.72
CA ALA A 45 -2.72 3.08 -8.88
C ALA A 45 -1.88 2.28 -9.89
N PRO A 46 -2.21 0.99 -10.13
CA PRO A 46 -1.39 0.35 -11.16
C PRO A 46 -2.03 0.91 -12.46
N ASP A 47 -1.39 0.76 -13.62
CA ASP A 47 -1.97 1.31 -14.86
C ASP A 47 -2.37 0.27 -15.90
N TYR A 48 -2.50 -0.98 -15.46
CA TYR A 48 -2.91 -2.09 -16.31
C TYR A 48 -3.55 -3.08 -15.36
N GLY A 49 -4.69 -3.65 -15.75
CA GLY A 49 -5.39 -4.59 -14.90
C GLY A 49 -4.65 -5.85 -14.51
N HIS A 50 -3.82 -6.37 -15.41
CA HIS A 50 -3.10 -7.59 -15.09
C HIS A 50 -1.71 -7.48 -14.49
N VAL A 51 -1.41 -6.34 -13.86
CA VAL A 51 -0.16 -6.24 -13.11
C VAL A 51 -0.71 -6.58 -11.71
N THR A 52 0.14 -7.01 -10.79
CA THR A 52 -0.33 -7.28 -9.44
C THR A 52 0.45 -6.38 -8.48
N THR A 53 0.02 -6.32 -7.24
CA THR A 53 0.69 -5.48 -6.26
C THR A 53 0.90 -6.30 -5.00
N SER A 54 1.77 -5.83 -4.10
CA SER A 54 1.98 -6.53 -2.83
C SER A 54 0.69 -6.44 -2.03
N GLU A 55 -0.11 -5.40 -2.33
CA GLU A 55 -1.41 -5.20 -1.69
C GLU A 55 -2.32 -6.38 -2.03
N ALA A 56 -2.37 -6.77 -3.31
CA ALA A 56 -3.19 -7.89 -3.76
C ALA A 56 -2.72 -9.18 -3.05
N MET A 57 -1.40 -9.38 -2.95
CA MET A 57 -0.85 -10.56 -2.27
C MET A 57 -1.27 -10.62 -0.80
N SER A 58 -1.26 -9.47 -0.12
CA SER A 58 -1.63 -9.46 1.29
C SER A 58 -3.12 -9.76 1.48
N TYR A 59 -3.94 -9.43 0.48
CA TYR A 59 -5.37 -9.74 0.54
C TYR A 59 -5.58 -11.21 0.24
N TYR A 60 -4.70 -11.76 -0.58
CA TYR A 60 -4.75 -13.16 -0.96
C TYR A 60 -4.49 -13.98 0.31
N MET A 61 -3.53 -13.53 1.13
CA MET A 61 -3.19 -14.20 2.39
C MET A 61 -4.35 -14.15 3.38
N TRP A 62 -4.94 -12.97 3.53
CA TRP A 62 -6.06 -12.77 4.45
C TRP A 62 -7.24 -13.68 4.05
N LEU A 63 -7.50 -13.73 2.75
CA LEU A 63 -8.58 -14.57 2.20
C LEU A 63 -8.34 -16.04 2.55
N GLU A 64 -7.12 -16.53 2.29
CA GLU A 64 -6.77 -17.93 2.57
C GLU A 64 -6.75 -18.28 4.06
N ALA A 65 -6.40 -17.31 4.90
CA ALA A 65 -6.39 -17.49 6.35
C ALA A 65 -7.83 -17.76 6.80
N MET A 66 -8.76 -16.91 6.35
CA MET A 66 -10.18 -17.03 6.66
C MET A 66 -10.75 -18.35 6.15
N HIS A 67 -10.27 -18.81 5.00
CA HIS A 67 -10.73 -20.08 4.45
C HIS A 67 -10.24 -21.24 5.34
N GLY A 68 -9.02 -21.15 5.84
CA GLY A 68 -8.52 -22.19 6.72
C GLY A 68 -9.37 -22.26 7.99
N ARG A 69 -9.85 -21.10 8.44
CA ARG A 69 -10.68 -21.00 9.64
C ARG A 69 -11.98 -21.78 9.51
N PHE A 70 -12.57 -21.74 8.31
CA PHE A 70 -13.84 -22.42 8.07
C PHE A 70 -13.73 -23.83 7.53
N SER A 71 -12.66 -24.14 6.80
CA SER A 71 -12.52 -25.47 6.22
C SER A 71 -11.54 -26.37 6.96
N GLY A 72 -10.72 -25.79 7.82
CA GLY A 72 -9.72 -26.57 8.52
C GLY A 72 -8.51 -26.86 7.63
N ASP A 73 -8.57 -26.38 6.39
CA ASP A 73 -7.48 -26.58 5.43
C ASP A 73 -6.68 -25.30 5.29
N PHE A 74 -5.40 -25.35 5.65
CA PHE A 74 -4.54 -24.18 5.59
C PHE A 74 -3.49 -24.24 4.51
N THR A 75 -3.53 -25.26 3.67
CA THR A 75 -2.55 -25.39 2.60
C THR A 75 -2.64 -24.24 1.59
N GLY A 76 -3.81 -23.63 1.47
CA GLY A 76 -3.99 -22.52 0.56
C GLY A 76 -3.28 -21.31 1.11
N PHE A 77 -3.29 -21.16 2.44
CA PHE A 77 -2.62 -20.05 3.09
C PHE A 77 -1.11 -20.21 2.88
N ASP A 78 -0.58 -21.42 3.12
CA ASP A 78 0.85 -21.69 2.91
C ASP A 78 1.25 -21.44 1.46
N LYS A 79 0.35 -21.76 0.52
CA LYS A 79 0.59 -21.54 -0.91
C LYS A 79 0.68 -20.03 -1.21
N SER A 80 -0.14 -19.22 -0.55
CA SER A 80 -0.10 -17.77 -0.79
C SER A 80 1.27 -17.23 -0.39
N TRP A 81 1.86 -17.79 0.67
CA TRP A 81 3.19 -17.37 1.10
C TRP A 81 4.27 -17.86 0.17
N SER A 82 4.10 -19.05 -0.40
CA SER A 82 5.09 -19.59 -1.34
C SER A 82 5.13 -18.74 -2.61
N VAL A 83 3.96 -18.38 -3.14
CA VAL A 83 3.87 -17.55 -4.33
C VAL A 83 4.50 -16.16 -4.10
N THR A 84 4.25 -15.60 -2.91
CA THR A 84 4.80 -14.30 -2.53
C THR A 84 6.34 -14.33 -2.54
N GLU A 85 6.91 -15.33 -1.85
CA GLU A 85 8.37 -15.46 -1.76
C GLU A 85 9.00 -15.73 -3.12
N GLN A 86 8.34 -16.53 -3.92
CA GLN A 86 8.83 -16.89 -5.24
C GLN A 86 8.79 -15.74 -6.26
N TYR A 87 7.74 -14.92 -6.21
CA TYR A 87 7.54 -13.86 -7.21
C TYR A 87 7.54 -12.39 -6.81
N LEU A 88 7.31 -12.08 -5.54
CA LEU A 88 7.27 -10.68 -5.08
C LEU A 88 8.46 -10.24 -4.22
N ILE A 89 9.15 -11.19 -3.59
CA ILE A 89 10.32 -10.86 -2.77
C ILE A 89 11.51 -11.20 -3.66
N PRO A 90 12.28 -10.19 -4.08
CA PRO A 90 13.44 -10.42 -4.96
C PRO A 90 14.36 -11.50 -4.46
N THR A 91 14.63 -12.46 -5.34
CA THR A 91 15.48 -13.59 -5.01
C THR A 91 16.96 -13.22 -5.07
N GLU A 92 17.81 -14.21 -4.81
CA GLU A 92 19.27 -14.07 -4.86
C GLU A 92 19.68 -13.57 -6.24
N LYS A 93 18.99 -14.04 -7.27
CA LYS A 93 19.28 -13.63 -8.64
C LYS A 93 18.85 -12.19 -8.92
N ASP A 94 17.79 -11.75 -8.23
CA ASP A 94 17.25 -10.40 -8.39
C ASP A 94 17.93 -9.31 -7.61
N GLN A 95 18.48 -9.64 -6.44
CA GLN A 95 19.20 -8.68 -5.62
C GLN A 95 20.50 -9.34 -5.18
N PRO A 96 21.44 -9.57 -6.12
CA PRO A 96 22.73 -10.21 -5.87
C PRO A 96 23.40 -9.82 -4.56
N ASN A 97 23.58 -10.79 -3.68
CA ASN A 97 24.22 -10.52 -2.40
C ASN A 97 25.65 -9.96 -2.61
N THR A 98 26.27 -10.22 -3.76
CA THR A 98 27.60 -9.67 -4.04
C THR A 98 27.54 -8.15 -3.95
N SER A 99 26.48 -7.56 -4.49
CA SER A 99 26.30 -6.11 -4.42
C SER A 99 25.74 -5.67 -3.08
N MET A 100 24.74 -6.40 -2.57
CA MET A 100 24.13 -6.07 -1.28
C MET A 100 25.11 -6.08 -0.11
N SER A 101 26.10 -6.98 -0.16
CA SER A 101 27.09 -7.08 0.91
C SER A 101 28.08 -5.91 0.87
N ARG A 102 28.03 -5.10 -0.18
CA ARG A 102 28.92 -3.93 -0.26
C ARG A 102 28.24 -2.69 0.30
N TYR A 103 27.07 -2.88 0.90
CA TYR A 103 26.32 -1.79 1.50
C TYR A 103 27.14 -1.16 2.64
N ASP A 104 27.10 0.16 2.74
CA ASP A 104 27.82 0.90 3.78
C ASP A 104 26.79 1.58 4.69
N ALA A 105 26.63 1.05 5.90
CA ALA A 105 25.68 1.59 6.87
C ALA A 105 25.96 3.03 7.32
N ASN A 106 27.16 3.53 7.08
CA ASN A 106 27.50 4.92 7.47
C ASN A 106 27.24 5.91 6.36
N LYS A 107 26.96 5.39 5.16
CA LYS A 107 26.63 6.20 3.98
C LYS A 107 25.62 5.34 3.20
N PRO A 108 24.38 5.21 3.72
CA PRO A 108 23.32 4.41 3.10
C PRO A 108 22.99 4.72 1.64
N ALA A 109 22.96 6.00 1.29
CA ALA A 109 22.63 6.43 -0.07
C ALA A 109 23.16 7.83 -0.33
N THR A 110 22.95 8.31 -1.55
CA THR A 110 23.38 9.64 -1.93
C THR A 110 22.12 10.47 -2.07
N TYR A 111 22.12 11.65 -1.46
CA TYR A 111 20.97 12.54 -1.50
C TYR A 111 20.61 13.04 -2.89
N ALA A 112 19.31 13.18 -3.14
CA ALA A 112 18.81 13.74 -4.39
C ALA A 112 17.49 14.43 -3.98
N PRO A 113 17.27 15.65 -4.47
CA PRO A 113 16.04 16.36 -4.11
C PRO A 113 14.80 15.81 -4.82
N GLU A 114 13.64 16.12 -4.25
CA GLU A 114 12.35 15.76 -4.85
C GLU A 114 11.79 17.09 -5.35
N PHE A 115 11.05 17.06 -6.46
CA PHE A 115 10.46 18.27 -7.07
C PHE A 115 8.94 18.16 -7.18
N GLN A 116 8.29 19.32 -7.25
CA GLN A 116 6.82 19.41 -7.32
C GLN A 116 6.22 19.34 -8.74
N ASP A 117 7.04 19.09 -9.73
CA ASP A 117 6.56 18.98 -11.10
C ASP A 117 7.48 17.99 -11.77
N PRO A 118 6.91 17.01 -12.48
CA PRO A 118 7.74 16.02 -13.17
C PRO A 118 8.73 16.62 -14.16
N SER A 119 8.49 17.84 -14.62
CA SER A 119 9.38 18.47 -15.61
C SER A 119 10.75 18.85 -15.05
N LYS A 120 10.86 18.89 -13.72
CA LYS A 120 12.13 19.21 -13.08
C LYS A 120 13.07 17.99 -12.96
N TYR A 121 12.59 16.82 -13.35
CA TYR A 121 13.39 15.58 -13.32
C TYR A 121 14.10 15.40 -14.67
N PRO A 122 15.26 14.69 -14.69
CA PRO A 122 16.00 14.03 -13.61
C PRO A 122 16.52 14.89 -12.46
N SER A 123 16.45 14.32 -11.25
CA SER A 123 16.92 14.97 -10.02
C SER A 123 18.44 14.73 -9.90
N PRO A 124 19.21 15.79 -9.64
CA PRO A 124 20.67 15.57 -9.54
C PRO A 124 21.16 15.08 -8.18
N LEU A 125 21.98 14.03 -8.20
CA LEU A 125 22.58 13.48 -6.97
C LEU A 125 23.60 14.48 -6.43
N ASP A 126 23.68 14.61 -5.11
CA ASP A 126 24.61 15.53 -4.47
C ASP A 126 25.31 14.84 -3.30
N THR A 127 26.56 14.43 -3.51
CA THR A 127 27.34 13.75 -2.48
C THR A 127 27.75 14.63 -1.30
N SER A 128 27.57 15.94 -1.43
CA SER A 128 27.94 16.86 -0.36
C SER A 128 26.84 17.03 0.68
N GLN A 129 25.62 16.64 0.35
CA GLN A 129 24.53 16.75 1.31
C GLN A 129 24.64 15.60 2.32
N PRO A 130 24.49 15.92 3.62
CA PRO A 130 24.59 14.90 4.68
C PRO A 130 23.57 13.77 4.62
N VAL A 131 24.04 12.59 4.96
CA VAL A 131 23.21 11.40 5.01
C VAL A 131 23.58 10.74 6.35
N GLY A 132 22.56 10.45 7.16
CA GLY A 132 22.79 9.84 8.46
C GLY A 132 23.18 8.38 8.39
N ARG A 133 23.27 7.72 9.53
CA ARG A 133 23.64 6.32 9.52
C ARG A 133 22.52 5.35 9.87
N ASP A 134 22.62 4.16 9.29
CA ASP A 134 21.67 3.07 9.44
C ASP A 134 22.02 2.23 10.67
N PRO A 135 21.17 2.30 11.73
CA PRO A 135 21.44 1.52 12.93
C PRO A 135 20.94 0.07 12.91
N ILE A 136 20.06 -0.29 11.97
CA ILE A 136 19.53 -1.64 11.96
C ILE A 136 20.13 -2.65 11.00
N ASN A 137 20.93 -2.21 10.04
CA ASN A 137 21.49 -3.16 9.08
C ASN A 137 22.32 -4.26 9.75
N SER A 138 23.16 -3.87 10.70
CA SER A 138 24.01 -4.86 11.38
C SER A 138 23.17 -5.85 12.20
N GLN A 139 22.00 -5.41 12.66
CA GLN A 139 21.12 -6.30 13.41
C GLN A 139 20.56 -7.37 12.47
N LEU A 140 20.18 -6.95 11.27
CA LEU A 140 19.58 -7.82 10.26
C LEU A 140 20.57 -8.81 9.62
N THR A 141 21.78 -8.37 9.28
CA THR A 141 22.75 -9.27 8.66
C THR A 141 23.19 -10.31 9.67
N SER A 142 23.28 -9.90 10.93
CA SER A 142 23.66 -10.80 12.01
C SER A 142 22.60 -11.87 12.29
N ALA A 143 21.33 -11.49 12.26
CA ALA A 143 20.26 -12.44 12.53
C ALA A 143 19.94 -13.37 11.36
N TYR A 144 20.03 -12.86 10.14
CA TYR A 144 19.67 -13.65 8.97
C TYR A 144 20.81 -14.19 8.12
N GLY A 145 22.01 -13.67 8.33
CA GLY A 145 23.17 -14.15 7.60
C GLY A 145 23.26 -13.78 6.13
N THR A 146 22.60 -12.68 5.77
CA THR A 146 22.62 -12.21 4.39
C THR A 146 22.43 -10.69 4.36
N SER A 147 22.81 -10.07 3.25
CA SER A 147 22.63 -8.63 3.08
C SER A 147 21.37 -8.30 2.26
N MET A 148 20.72 -9.33 1.70
CA MET A 148 19.50 -9.14 0.92
C MET A 148 18.37 -8.76 1.87
N LEU A 149 17.44 -7.95 1.38
CA LEU A 149 16.30 -7.52 2.18
C LEU A 149 15.11 -8.43 1.92
N TYR A 150 14.38 -8.74 2.98
CA TYR A 150 13.23 -9.60 2.87
C TYR A 150 11.96 -8.79 3.02
N GLY A 151 11.50 -8.26 1.88
CA GLY A 151 10.29 -7.47 1.85
C GLY A 151 9.74 -7.60 0.44
N MET A 152 8.47 -7.29 0.25
CA MET A 152 7.86 -7.41 -1.08
C MET A 152 8.05 -6.17 -1.94
N HIS A 153 8.43 -6.37 -3.20
CA HIS A 153 8.51 -5.24 -4.13
C HIS A 153 7.00 -5.01 -4.40
N TRP A 154 6.58 -3.75 -4.54
CA TRP A 154 5.17 -3.45 -4.64
C TRP A 154 4.34 -3.71 -5.89
N ILE A 155 4.96 -3.72 -7.05
CA ILE A 155 4.19 -3.93 -8.27
C ILE A 155 4.91 -4.93 -9.20
N LEU A 156 4.13 -5.78 -9.85
CA LEU A 156 4.68 -6.82 -10.70
C LEU A 156 3.87 -6.97 -11.99
N ASP A 157 4.56 -6.97 -13.14
CA ASP A 157 3.90 -7.15 -14.45
C ASP A 157 3.80 -8.69 -14.63
N VAL A 158 2.75 -9.25 -14.05
CA VAL A 158 2.45 -10.69 -14.03
C VAL A 158 2.62 -11.47 -15.33
N ASP A 159 2.08 -10.93 -16.42
CA ASP A 159 2.17 -11.61 -17.69
C ASP A 159 3.15 -11.03 -18.70
N ASN A 160 4.03 -10.14 -18.22
CA ASN A 160 5.05 -9.49 -19.06
C ASN A 160 4.37 -8.69 -20.19
N TRP A 161 3.33 -7.94 -19.83
CA TRP A 161 2.56 -7.12 -20.78
C TRP A 161 3.42 -6.00 -21.37
N TYR A 162 4.29 -5.44 -20.54
CA TYR A 162 5.18 -4.38 -20.96
C TYR A 162 6.36 -4.92 -21.77
N GLY A 163 6.65 -6.21 -21.62
CA GLY A 163 7.73 -6.82 -22.38
C GLY A 163 9.16 -6.71 -21.88
N PHE A 164 9.36 -6.30 -20.65
CA PHE A 164 10.73 -6.19 -20.10
C PHE A 164 11.32 -7.55 -19.72
N GLY A 165 10.44 -8.53 -19.44
CA GLY A 165 10.90 -9.85 -19.06
C GLY A 165 11.57 -9.92 -17.68
N ALA A 166 12.29 -10.99 -17.41
CA ALA A 166 12.97 -11.14 -16.14
C ALA A 166 14.45 -10.90 -16.35
N ARG A 167 15.02 -9.99 -15.57
CA ARG A 167 16.43 -9.62 -15.64
C ARG A 167 16.90 -9.31 -17.07
N ALA A 168 16.11 -8.46 -17.74
CA ALA A 168 16.36 -7.98 -19.10
C ALA A 168 16.25 -9.00 -20.25
N ASP A 169 15.55 -10.12 -20.05
CA ASP A 169 15.43 -11.09 -21.14
C ASP A 169 14.25 -10.83 -22.08
N GLY A 170 13.37 -9.91 -21.68
CA GLY A 170 12.20 -9.53 -22.47
C GLY A 170 11.16 -10.60 -22.76
N THR A 171 11.42 -11.81 -22.31
CA THR A 171 10.54 -12.93 -22.61
C THR A 171 9.88 -13.62 -21.40
N SER A 172 10.53 -13.61 -20.24
CA SER A 172 9.99 -14.26 -19.06
C SER A 172 8.89 -13.54 -18.30
N LYS A 173 8.12 -14.31 -17.53
CA LYS A 173 7.05 -13.79 -16.69
C LYS A 173 7.20 -14.47 -15.31
N PRO A 174 6.92 -13.74 -14.21
CA PRO A 174 6.49 -12.33 -14.14
C PRO A 174 7.66 -11.39 -14.35
N SER A 175 7.35 -10.11 -14.46
CA SER A 175 8.36 -9.10 -14.71
C SER A 175 8.30 -7.99 -13.66
N TYR A 176 9.42 -7.79 -12.97
CA TYR A 176 9.52 -6.73 -11.95
C TYR A 176 9.61 -5.38 -12.65
N ILE A 177 8.67 -4.50 -12.34
CA ILE A 177 8.66 -3.17 -12.92
C ILE A 177 8.36 -2.15 -11.84
N ASN A 178 8.56 -0.88 -12.15
CA ASN A 178 8.19 0.18 -11.24
C ASN A 178 7.64 1.30 -12.11
N THR A 179 6.88 2.20 -11.51
CA THR A 179 6.28 3.32 -12.24
C THR A 179 6.60 4.68 -11.63
N PHE A 180 5.95 5.04 -10.53
CA PHE A 180 6.14 6.33 -9.87
C PHE A 180 7.61 6.59 -9.52
N GLN A 181 8.12 7.74 -9.98
CA GLN A 181 9.50 8.13 -9.72
C GLN A 181 9.65 9.64 -9.62
N ARG A 182 8.68 10.39 -10.15
CA ARG A 182 8.79 11.84 -10.23
C ARG A 182 7.94 12.80 -9.41
N GLY A 183 7.85 12.53 -8.11
CA GLY A 183 7.15 13.43 -7.22
C GLY A 183 5.64 13.44 -7.12
N GLU A 184 5.18 14.35 -6.27
CA GLU A 184 3.77 14.53 -5.97
C GLU A 184 2.83 14.81 -7.14
N GLN A 185 3.32 15.47 -8.17
CA GLN A 185 2.48 15.75 -9.32
C GLN A 185 2.49 14.68 -10.38
N GLU A 186 3.22 13.59 -10.15
CA GLU A 186 3.24 12.53 -11.13
C GLU A 186 2.15 11.51 -10.85
N SER A 187 1.00 11.67 -11.51
CA SER A 187 -0.12 10.76 -11.33
C SER A 187 0.21 9.45 -12.05
N THR A 188 -0.71 8.49 -11.95
CA THR A 188 -0.56 7.20 -12.59
C THR A 188 -0.51 7.41 -14.11
N TRP A 189 -1.12 8.49 -14.58
CA TRP A 189 -1.17 8.82 -16.00
C TRP A 189 0.10 9.46 -16.55
N GLU A 190 0.99 9.89 -15.66
CA GLU A 190 2.19 10.59 -16.06
C GLU A 190 3.53 9.91 -15.90
N THR A 191 3.51 8.60 -15.64
CA THR A 191 4.73 7.81 -15.44
C THR A 191 5.29 7.22 -16.75
N ILE A 192 6.52 6.72 -16.66
CA ILE A 192 7.15 6.03 -17.77
C ILE A 192 7.53 4.70 -17.15
N PRO A 193 6.70 3.65 -17.35
CA PRO A 193 7.00 2.34 -16.78
C PRO A 193 8.42 1.91 -17.10
N GLN A 194 9.13 1.45 -16.06
CA GLN A 194 10.51 1.04 -16.23
C GLN A 194 10.79 -0.29 -15.52
N PRO A 195 11.83 -1.02 -15.98
CA PRO A 195 12.17 -2.31 -15.35
C PRO A 195 12.99 -2.08 -14.06
N CYS A 196 12.79 -2.95 -13.07
CA CYS A 196 13.55 -2.84 -11.80
C CYS A 196 15.01 -3.20 -12.06
N TRP A 197 15.22 -4.16 -12.97
CA TRP A 197 16.55 -4.64 -13.34
C TRP A 197 16.87 -3.93 -14.65
N ASP A 198 17.72 -2.90 -14.57
CA ASP A 198 18.07 -2.12 -15.74
C ASP A 198 19.48 -2.34 -16.26
N GLU A 199 19.58 -3.12 -17.32
CA GLU A 199 20.84 -3.42 -17.99
C GLU A 199 21.05 -2.56 -19.23
N HIS A 200 20.18 -1.56 -19.42
CA HIS A 200 20.24 -0.64 -20.55
C HIS A 200 19.79 -1.31 -21.85
N LYS A 201 19.10 -2.46 -21.77
CA LYS A 201 18.66 -3.15 -22.98
C LYS A 201 17.38 -2.55 -23.58
N PHE A 202 16.65 -1.77 -22.79
CA PHE A 202 15.41 -1.15 -23.25
C PHE A 202 15.41 0.32 -22.88
N GLY A 203 14.53 1.09 -23.50
CA GLY A 203 14.44 2.50 -23.23
C GLY A 203 15.44 3.28 -24.04
N GLY A 204 16.28 4.07 -23.37
CA GLY A 204 17.28 4.88 -24.06
C GLY A 204 18.68 4.30 -23.98
N GLN A 205 19.67 5.14 -24.27
CA GLN A 205 21.07 4.74 -24.25
C GLN A 205 21.51 4.11 -22.92
N TYR A 206 20.94 4.61 -21.82
CA TYR A 206 21.24 4.13 -20.47
C TYR A 206 19.97 3.57 -19.81
N GLY A 207 19.17 2.83 -20.58
CA GLY A 207 17.93 2.30 -20.04
C GLY A 207 16.97 3.44 -19.75
N PHE A 208 16.38 3.44 -18.55
CA PHE A 208 15.45 4.49 -18.16
C PHE A 208 16.02 5.32 -17.01
N LEU A 209 17.25 5.00 -16.61
CA LEU A 209 17.89 5.63 -15.46
C LEU A 209 18.02 7.16 -15.43
N ASP A 210 18.53 7.74 -16.52
CA ASP A 210 18.70 9.18 -16.61
C ASP A 210 17.42 9.98 -16.84
N LEU A 211 16.28 9.30 -16.76
CA LEU A 211 15.00 10.00 -16.84
C LEU A 211 14.71 10.49 -15.41
N PHE A 212 15.24 9.77 -14.41
CA PHE A 212 14.95 10.06 -13.00
C PHE A 212 16.07 10.62 -12.11
N THR A 213 17.29 10.13 -12.34
CA THR A 213 18.46 10.55 -11.56
C THR A 213 19.55 11.03 -12.50
N LYS A 214 20.22 12.11 -12.12
CA LYS A 214 21.32 12.65 -12.92
C LYS A 214 22.58 12.52 -12.08
N ASP A 215 23.63 11.98 -12.69
CA ASP A 215 24.91 11.82 -12.00
C ASP A 215 25.98 12.56 -12.78
N THR A 216 27.17 12.69 -12.18
CA THR A 216 28.29 13.36 -12.84
C THR A 216 28.83 12.47 -13.94
N GLY A 217 28.79 11.15 -13.69
CA GLY A 217 29.28 10.19 -14.65
C GLY A 217 28.19 9.48 -15.43
N THR A 218 28.59 8.40 -16.08
CA THR A 218 27.67 7.59 -16.87
C THR A 218 26.92 6.59 -15.96
N PRO A 219 25.59 6.48 -16.13
CA PRO A 219 24.78 5.57 -15.31
C PRO A 219 25.20 4.11 -15.47
N ALA A 220 25.32 3.42 -14.34
CA ALA A 220 25.72 2.02 -14.33
C ALA A 220 24.48 1.14 -14.47
N LYS A 221 24.67 -0.10 -14.88
CA LYS A 221 23.56 -1.05 -14.97
C LYS A 221 23.23 -1.31 -13.48
N GLN A 222 21.95 -1.32 -13.12
CA GLN A 222 21.58 -1.47 -11.72
C GLN A 222 20.14 -1.91 -11.52
N PHE A 223 19.89 -2.47 -10.34
CA PHE A 223 18.56 -2.93 -9.96
C PHE A 223 18.07 -2.04 -8.82
N LYS A 224 16.75 -1.97 -8.64
CA LYS A 224 16.17 -1.16 -7.59
C LYS A 224 14.76 -1.65 -7.32
N TYR A 225 14.44 -1.80 -6.04
CA TYR A 225 13.10 -2.24 -5.62
C TYR A 225 12.51 -1.28 -4.60
N THR A 226 11.20 -1.22 -4.54
CA THR A 226 10.48 -0.31 -3.65
C THR A 226 9.37 -1.07 -2.93
N ASN A 227 9.34 -0.92 -1.61
CA ASN A 227 8.37 -1.58 -0.75
C ASN A 227 7.13 -0.70 -0.51
N ALA A 228 5.99 -1.33 -0.28
CA ALA A 228 4.74 -0.64 0.08
C ALA A 228 4.50 -1.20 1.49
N PRO A 229 4.96 -0.46 2.53
CA PRO A 229 4.83 -0.87 3.93
C PRO A 229 3.45 -1.27 4.44
N ASP A 230 2.38 -0.65 3.94
CA ASP A 230 1.04 -1.02 4.39
C ASP A 230 0.69 -2.47 4.00
N ALA A 231 1.20 -2.90 2.85
CA ALA A 231 0.98 -4.27 2.36
C ALA A 231 1.78 -5.31 3.17
N ASP A 232 3.04 -5.01 3.47
CA ASP A 232 3.85 -5.94 4.28
C ASP A 232 3.28 -6.07 5.68
N ALA A 233 2.75 -4.97 6.23
CA ALA A 233 2.14 -5.00 7.55
C ALA A 233 0.82 -5.79 7.52
N ARG A 234 0.03 -5.64 6.44
CA ARG A 234 -1.23 -6.38 6.33
C ARG A 234 -0.91 -7.88 6.23
N ALA A 235 0.23 -8.24 5.63
CA ALA A 235 0.65 -9.64 5.52
C ALA A 235 0.92 -10.21 6.92
N VAL A 236 1.52 -9.41 7.81
CA VAL A 236 1.80 -9.84 9.17
C VAL A 236 0.45 -10.01 9.91
N GLN A 237 -0.43 -9.02 9.74
CA GLN A 237 -1.77 -9.02 10.34
C GLN A 237 -2.57 -10.28 9.94
N ALA A 238 -2.53 -10.62 8.65
CA ALA A 238 -3.25 -11.77 8.13
C ALA A 238 -2.66 -13.07 8.65
N THR A 239 -1.34 -13.12 8.76
CA THR A 239 -0.63 -14.30 9.22
C THR A 239 -0.91 -14.58 10.70
N TYR A 240 -1.05 -13.51 11.49
CA TYR A 240 -1.36 -13.66 12.90
C TYR A 240 -2.69 -14.40 13.06
N TRP A 241 -3.72 -13.95 12.34
CA TRP A 241 -5.02 -14.60 12.39
C TRP A 241 -4.97 -16.04 11.88
N ALA A 242 -4.17 -16.30 10.85
CA ALA A 242 -4.02 -17.66 10.33
C ALA A 242 -3.38 -18.56 11.41
N ASP A 243 -2.44 -18.02 12.17
CA ASP A 243 -1.79 -18.75 13.24
C ASP A 243 -2.79 -19.05 14.39
N GLN A 244 -3.59 -18.04 14.75
CA GLN A 244 -4.60 -18.22 15.80
C GLN A 244 -5.63 -19.28 15.39
N TRP A 245 -6.19 -19.12 14.20
CA TRP A 245 -7.19 -20.04 13.70
C TRP A 245 -6.68 -21.47 13.50
N ALA A 246 -5.45 -21.61 13.02
CA ALA A 246 -4.84 -22.92 12.82
C ALA A 246 -4.71 -23.63 14.17
N LYS A 247 -4.18 -22.93 15.17
CA LYS A 247 -3.99 -23.47 16.51
C LYS A 247 -5.27 -23.92 17.20
N GLU A 248 -6.39 -23.25 16.91
CA GLU A 248 -7.69 -23.61 17.49
C GLU A 248 -8.16 -24.97 16.95
N GLN A 249 -7.62 -25.37 15.80
CA GLN A 249 -8.00 -26.64 15.16
C GLN A 249 -6.89 -27.67 15.15
N GLY A 250 -5.88 -27.47 15.99
CA GLY A 250 -4.77 -28.41 16.04
C GLY A 250 -3.91 -28.47 14.79
N LYS A 251 -3.93 -27.41 13.99
CA LYS A 251 -3.15 -27.33 12.76
C LYS A 251 -1.99 -26.33 12.95
N SER A 252 -1.11 -26.25 11.96
CA SER A 252 0.05 -25.38 12.08
C SER A 252 0.44 -24.71 10.77
N VAL A 253 0.82 -23.44 10.87
CA VAL A 253 1.28 -22.67 9.73
C VAL A 253 2.61 -22.06 10.19
N SER A 254 3.38 -22.87 10.93
CA SER A 254 4.67 -22.46 11.49
C SER A 254 5.61 -21.84 10.49
N THR A 255 5.76 -22.51 9.35
CA THR A 255 6.66 -22.01 8.32
C THR A 255 6.24 -20.62 7.78
N SER A 256 4.93 -20.38 7.66
CA SER A 256 4.46 -19.07 7.19
C SER A 256 4.66 -18.00 8.26
N VAL A 257 4.56 -18.39 9.53
CA VAL A 257 4.78 -17.46 10.66
C VAL A 257 6.23 -16.95 10.65
N GLY A 258 7.18 -17.82 10.33
CA GLY A 258 8.58 -17.42 10.28
C GLY A 258 8.85 -16.42 9.16
N LYS A 259 8.19 -16.58 8.01
CA LYS A 259 8.37 -15.65 6.90
C LYS A 259 7.77 -14.29 7.26
N ALA A 260 6.57 -14.31 7.84
CA ALA A 260 5.90 -13.07 8.25
C ALA A 260 6.72 -12.29 9.27
N THR A 261 7.35 -13.03 10.19
CA THR A 261 8.18 -12.45 11.24
C THR A 261 9.46 -11.84 10.68
N LYS A 262 10.05 -12.50 9.68
CA LYS A 262 11.26 -12.00 9.06
C LYS A 262 10.89 -10.72 8.30
N MET A 263 9.77 -10.74 7.58
CA MET A 263 9.29 -9.57 6.82
C MET A 263 9.04 -8.38 7.75
N GLY A 264 8.44 -8.63 8.91
CA GLY A 264 8.19 -7.57 9.88
C GLY A 264 9.47 -6.98 10.45
N ASP A 265 10.54 -7.78 10.45
CA ASP A 265 11.84 -7.37 10.96
C ASP A 265 12.46 -6.35 9.97
N TYR A 266 12.40 -6.69 8.67
CA TYR A 266 12.91 -5.79 7.63
C TYR A 266 12.02 -4.58 7.42
N LEU A 267 10.74 -4.74 7.74
CA LEU A 267 9.76 -3.66 7.58
C LEU A 267 10.14 -2.42 8.39
N ARG A 268 11.01 -2.60 9.39
CA ARG A 268 11.47 -1.46 10.21
C ARG A 268 12.22 -0.39 9.40
N TYR A 269 12.69 -0.74 8.19
CA TYR A 269 13.37 0.26 7.36
C TYR A 269 12.42 1.44 7.03
N SER A 270 11.12 1.20 7.12
CA SER A 270 10.15 2.27 6.85
C SER A 270 10.00 3.22 8.05
N PHE A 271 10.61 2.89 9.19
CA PHE A 271 10.54 3.75 10.38
C PHE A 271 11.51 4.94 10.27
N PHE A 272 12.38 4.91 9.27
CA PHE A 272 13.42 5.92 9.09
C PHE A 272 13.26 6.96 8.02
N ASP A 273 13.75 8.15 8.32
CA ASP A 273 13.75 9.26 7.38
C ASP A 273 14.48 8.76 6.12
N LYS A 274 14.02 9.22 4.95
CA LYS A 274 14.60 8.82 3.65
C LYS A 274 16.13 8.74 3.63
N TYR A 275 16.79 9.82 4.02
CA TYR A 275 18.24 9.88 4.04
C TYR A 275 18.82 9.90 5.46
N PHE A 276 18.09 9.23 6.36
CA PHE A 276 18.47 9.11 7.77
C PHE A 276 18.84 10.40 8.47
N ARG A 277 18.06 11.45 8.23
CA ARG A 277 18.25 12.75 8.89
C ARG A 277 17.47 12.69 10.20
N LYS A 278 17.91 13.46 11.20
CA LYS A 278 17.24 13.50 12.50
C LYS A 278 15.78 13.94 12.35
N ILE A 279 14.87 13.31 13.07
CA ILE A 279 13.46 13.69 13.03
C ILE A 279 13.33 15.01 13.79
N GLY A 280 12.75 16.03 13.15
CA GLY A 280 12.57 17.30 13.81
C GLY A 280 13.72 18.29 13.63
N GLN A 281 14.85 17.80 13.12
CA GLN A 281 16.04 18.62 12.86
C GLN A 281 16.59 18.11 11.55
N PRO A 282 15.80 18.22 10.46
CA PRO A 282 16.13 17.77 9.11
C PRO A 282 17.46 18.18 8.47
N SER A 283 18.08 19.26 8.93
CA SER A 283 19.36 19.68 8.35
C SER A 283 20.54 18.85 8.85
N GLN A 284 20.36 18.12 9.95
CA GLN A 284 21.42 17.32 10.53
C GLN A 284 21.33 15.82 10.27
N ALA A 285 22.46 15.22 9.88
CA ALA A 285 22.55 13.79 9.63
C ALA A 285 22.28 13.08 10.96
N GLY A 286 21.56 11.96 10.89
CA GLY A 286 21.27 11.21 12.09
C GLY A 286 22.45 10.36 12.55
N THR A 287 22.40 9.95 13.81
CA THR A 287 23.45 9.12 14.39
C THR A 287 22.91 7.72 14.69
N GLY A 288 21.75 7.40 14.13
CA GLY A 288 21.16 6.10 14.36
C GLY A 288 19.66 6.22 14.53
N TYR A 289 19.17 5.90 15.73
CA TYR A 289 17.74 5.98 15.99
C TYR A 289 17.12 7.35 16.09
N ASP A 290 17.94 8.40 16.15
CA ASP A 290 17.37 9.74 16.20
C ASP A 290 16.74 10.09 14.83
N ALA A 291 16.94 9.21 13.86
CA ALA A 291 16.40 9.38 12.51
C ALA A 291 15.17 8.49 12.30
N ALA A 292 14.69 7.89 13.38
CA ALA A 292 13.51 7.02 13.32
C ALA A 292 12.28 7.77 13.79
N HIS A 293 11.27 7.85 12.92
CA HIS A 293 10.01 8.49 13.30
C HIS A 293 9.08 7.40 13.85
N TYR A 294 9.44 6.13 13.62
CA TYR A 294 8.71 4.96 14.09
C TYR A 294 7.29 4.76 13.54
N LEU A 295 7.04 5.36 12.38
CA LEU A 295 5.75 5.22 11.72
C LEU A 295 6.01 4.45 10.43
N LEU A 296 4.96 3.84 9.87
CA LEU A 296 5.07 3.13 8.60
C LEU A 296 4.96 4.20 7.50
N SER A 297 6.12 4.65 7.00
CA SER A 297 6.21 5.69 5.97
C SER A 297 5.79 5.18 4.59
N TRP A 298 5.80 6.07 3.60
CA TRP A 298 5.37 5.72 2.25
C TRP A 298 6.10 4.54 1.60
N TYR A 299 7.38 4.37 1.92
CA TYR A 299 8.18 3.27 1.38
C TYR A 299 9.56 3.19 1.99
N TYR A 300 10.26 2.13 1.60
CA TYR A 300 11.67 1.93 1.90
C TYR A 300 12.08 1.33 0.56
N ALA A 301 13.24 1.72 0.06
CA ALA A 301 13.68 1.23 -1.23
C ALA A 301 15.14 0.83 -1.16
N TRP A 302 15.54 -0.02 -2.08
CA TRP A 302 16.92 -0.46 -2.11
C TRP A 302 17.32 -0.86 -3.52
N GLY A 303 18.62 -0.83 -3.78
CA GLY A 303 19.11 -1.19 -5.09
C GLY A 303 20.62 -1.30 -5.07
N GLY A 304 21.20 -1.59 -6.23
CA GLY A 304 22.65 -1.72 -6.30
C GLY A 304 23.07 -2.04 -7.72
N GLY A 305 24.39 -2.18 -7.90
CA GLY A 305 24.93 -2.47 -9.21
C GLY A 305 24.75 -3.88 -9.75
N ILE A 306 24.64 -3.98 -11.08
CA ILE A 306 24.50 -5.26 -11.75
C ILE A 306 25.89 -5.75 -12.18
N ASP A 307 26.67 -4.87 -12.80
CA ASP A 307 28.01 -5.25 -13.26
C ASP A 307 29.18 -4.71 -12.42
N SER A 308 28.85 -3.93 -11.41
CA SER A 308 29.84 -3.40 -10.48
C SER A 308 29.18 -3.59 -9.11
N THR A 309 29.99 -3.79 -8.10
CA THR A 309 29.49 -4.08 -6.77
C THR A 309 29.33 -2.89 -5.79
N TRP A 310 28.06 -2.56 -5.51
CA TRP A 310 27.69 -1.46 -4.60
C TRP A 310 26.19 -1.53 -4.33
N SER A 311 25.71 -0.84 -3.32
CA SER A 311 24.28 -0.82 -2.99
C SER A 311 23.89 0.34 -2.11
N TRP A 312 22.58 0.58 -2.00
CA TRP A 312 22.03 1.67 -1.20
C TRP A 312 20.67 1.27 -0.66
N ILE A 313 20.23 1.96 0.39
CA ILE A 313 18.91 1.72 1.00
C ILE A 313 18.40 3.07 1.48
N ILE A 314 17.11 3.33 1.28
CA ILE A 314 16.49 4.57 1.76
C ILE A 314 15.19 4.24 2.46
N GLY A 315 14.79 5.09 3.40
CA GLY A 315 13.54 4.93 4.10
C GLY A 315 12.63 5.94 3.42
N SER A 316 11.77 6.61 4.18
CA SER A 316 10.92 7.65 3.60
C SER A 316 10.60 8.66 4.70
N SER A 317 10.58 9.93 4.34
CA SER A 317 10.28 11.01 5.28
C SER A 317 8.79 11.33 5.35
N HIS A 318 8.01 10.80 4.41
CA HIS A 318 6.58 11.09 4.35
C HIS A 318 5.73 10.03 5.01
N ASN A 319 4.82 10.46 5.88
CA ASN A 319 3.92 9.57 6.60
C ASN A 319 2.43 9.87 6.42
N HIS A 320 1.68 8.83 6.06
CA HIS A 320 0.23 8.94 5.83
C HIS A 320 -0.43 8.03 6.85
N PHE A 321 -1.49 8.52 7.50
CA PHE A 321 -2.19 7.72 8.50
C PHE A 321 -2.75 6.43 7.90
N GLY A 322 -3.10 6.47 6.61
CA GLY A 322 -3.68 5.33 5.93
C GLY A 322 -2.82 4.09 5.88
N TYR A 323 -1.50 4.26 6.03
CA TYR A 323 -0.56 3.13 6.00
C TYR A 323 -0.29 2.48 7.36
N GLN A 324 -0.65 3.17 8.43
CA GLN A 324 -0.36 2.65 9.76
C GLN A 324 -1.08 1.34 10.09
N ASN A 325 -0.46 0.54 10.95
CA ASN A 325 -1.06 -0.72 11.36
C ASN A 325 -0.66 -1.01 12.81
N PRO A 326 -1.41 -0.45 13.76
CA PRO A 326 -1.11 -0.67 15.18
C PRO A 326 -1.30 -2.13 15.57
N PHE A 327 -2.13 -2.86 14.82
CA PHE A 327 -2.35 -4.27 15.12
C PHE A 327 -1.08 -5.08 14.80
N ALA A 328 -0.49 -4.84 13.63
CA ALA A 328 0.73 -5.56 13.27
C ALA A 328 1.81 -5.20 14.28
N ALA A 329 1.82 -3.95 14.72
CA ALA A 329 2.81 -3.48 15.70
C ALA A 329 2.64 -4.22 17.03
N TRP A 330 1.39 -4.46 17.43
CA TRP A 330 1.09 -5.15 18.67
C TRP A 330 1.56 -6.60 18.58
N VAL A 331 1.24 -7.26 17.46
CA VAL A 331 1.64 -8.65 17.21
C VAL A 331 3.15 -8.87 17.30
N LEU A 332 3.89 -8.05 16.55
CA LEU A 332 5.35 -8.18 16.50
C LEU A 332 6.10 -7.78 17.78
N SER A 333 5.46 -7.00 18.65
CA SER A 333 6.11 -6.60 19.87
C SER A 333 5.67 -7.36 21.11
N THR A 334 4.54 -8.07 21.04
CA THR A 334 4.08 -8.79 22.24
C THR A 334 3.85 -10.28 22.11
N ASP A 335 3.54 -10.75 20.91
CA ASP A 335 3.31 -12.18 20.73
C ASP A 335 4.65 -12.91 20.60
N ALA A 336 4.87 -13.90 21.46
CA ALA A 336 6.11 -14.67 21.45
C ALA A 336 6.36 -15.41 20.13
N ASN A 337 5.31 -15.87 19.47
CA ASN A 337 5.43 -16.59 18.19
C ASN A 337 5.91 -15.71 17.07
N PHE A 338 5.66 -14.41 17.18
CA PHE A 338 6.07 -13.45 16.17
C PHE A 338 7.21 -12.54 16.60
N LYS A 339 8.05 -12.99 17.52
CA LYS A 339 9.17 -12.16 17.98
C LYS A 339 10.25 -12.22 16.93
N PRO A 340 10.61 -11.05 16.36
CA PRO A 340 11.65 -11.01 15.33
C PRO A 340 12.99 -11.46 15.88
N LYS A 341 13.76 -12.17 15.05
CA LYS A 341 15.08 -12.67 15.43
C LYS A 341 16.11 -11.59 15.80
N SER A 342 16.05 -10.43 15.15
CA SER A 342 17.00 -9.35 15.42
C SER A 342 16.99 -8.91 16.89
N SER A 343 18.06 -8.25 17.31
CA SER A 343 18.17 -7.81 18.69
C SER A 343 17.13 -6.78 19.15
N ASN A 344 16.86 -5.77 18.31
CA ASN A 344 15.91 -4.72 18.64
C ASN A 344 14.53 -4.79 17.97
N GLY A 345 14.27 -5.88 17.23
CA GLY A 345 13.01 -6.05 16.51
C GLY A 345 11.71 -5.81 17.27
N ALA A 346 11.48 -6.62 18.31
CA ALA A 346 10.28 -6.50 19.12
C ALA A 346 10.15 -5.15 19.83
N SER A 347 11.25 -4.65 20.41
CA SER A 347 11.23 -3.36 21.10
C SER A 347 11.01 -2.14 20.19
N ASP A 348 11.49 -2.22 18.94
CA ASP A 348 11.28 -1.10 18.01
C ASP A 348 9.81 -1.05 17.62
N TRP A 349 9.22 -2.23 17.50
CA TRP A 349 7.80 -2.34 17.17
C TRP A 349 6.92 -1.89 18.32
N ALA A 350 7.46 -2.00 19.55
CA ALA A 350 6.74 -1.57 20.75
C ALA A 350 6.75 -0.04 20.72
N LYS A 351 7.84 0.55 20.25
CA LYS A 351 7.94 2.00 20.15
C LYS A 351 7.01 2.48 19.04
N SER A 352 6.91 1.71 17.96
CA SER A 352 6.05 2.08 16.83
C SER A 352 4.57 2.08 17.23
N LEU A 353 4.15 1.07 17.99
CA LEU A 353 2.76 0.98 18.44
C LEU A 353 2.31 2.28 19.14
N ASP A 354 3.12 2.74 20.09
CA ASP A 354 2.81 3.96 20.84
C ASP A 354 2.79 5.18 19.94
N ARG A 355 3.80 5.30 19.08
CA ARG A 355 3.92 6.43 18.18
C ARG A 355 2.77 6.46 17.17
N GLN A 356 2.35 5.29 16.70
CA GLN A 356 1.26 5.20 15.72
C GLN A 356 -0.05 5.69 16.34
N LEU A 357 -0.34 5.26 17.57
CA LEU A 357 -1.57 5.67 18.24
C LEU A 357 -1.57 7.18 18.48
N GLU A 358 -0.39 7.75 18.74
CA GLU A 358 -0.29 9.19 18.95
C GLU A 358 -0.55 9.90 17.62
N PHE A 359 -0.06 9.33 16.53
CA PHE A 359 -0.22 9.89 15.16
C PHE A 359 -1.70 9.98 14.75
N TYR A 360 -2.43 8.88 14.91
CA TYR A 360 -3.87 8.84 14.60
C TYR A 360 -4.63 9.90 15.37
N GLN A 361 -4.40 9.97 16.68
CA GLN A 361 -5.09 10.91 17.55
C GLN A 361 -4.80 12.35 17.18
N TRP A 362 -3.54 12.65 16.89
CA TRP A 362 -3.15 13.99 16.47
C TRP A 362 -3.85 14.40 15.19
N LEU A 363 -4.08 13.45 14.28
CA LEU A 363 -4.75 13.71 13.00
C LEU A 363 -6.29 13.67 12.99
N GLN A 364 -6.91 13.30 14.10
CA GLN A 364 -8.37 13.22 14.17
C GLN A 364 -9.06 14.58 14.13
N SER A 365 -9.88 14.79 13.12
CA SER A 365 -10.58 16.07 12.94
C SER A 365 -11.69 16.30 13.96
N ALA A 366 -12.22 17.51 13.93
CA ALA A 366 -13.31 17.91 14.81
C ALA A 366 -14.46 16.91 14.63
N GLU A 367 -14.75 16.53 13.39
CA GLU A 367 -15.85 15.60 13.11
C GLU A 367 -15.53 14.14 13.44
N GLY A 368 -14.28 13.73 13.23
CA GLY A 368 -13.91 12.34 13.51
C GLY A 368 -13.04 11.67 12.47
N ALA A 369 -13.08 12.14 11.22
CA ALA A 369 -12.26 11.57 10.14
C ALA A 369 -10.78 11.87 10.41
N ILE A 370 -9.90 10.98 9.96
CA ILE A 370 -8.46 11.18 10.19
C ILE A 370 -7.83 11.96 9.03
N ALA A 371 -7.10 13.01 9.37
CA ALA A 371 -6.43 13.84 8.38
C ALA A 371 -5.16 13.15 7.85
N GLY A 372 -4.55 13.74 6.83
CA GLY A 372 -3.41 13.18 6.13
C GLY A 372 -2.22 12.56 6.82
N GLY A 373 -1.30 13.40 7.28
CA GLY A 373 -0.11 12.91 7.94
C GLY A 373 0.93 14.00 8.15
N ALA A 374 2.19 13.60 8.12
CA ALA A 374 3.28 14.53 8.33
C ALA A 374 4.54 14.12 7.58
N THR A 375 5.48 15.05 7.44
CA THR A 375 6.73 14.76 6.74
C THR A 375 7.91 15.37 7.48
N ASN A 376 9.06 14.71 7.39
CA ASN A 376 10.26 15.25 8.00
C ASN A 376 11.06 15.96 6.91
N SER A 377 10.55 15.95 5.68
CA SER A 377 11.24 16.59 4.57
C SER A 377 10.28 17.52 3.81
N TRP A 378 10.21 18.78 4.23
CA TRP A 378 9.33 19.74 3.59
C TRP A 378 9.69 19.90 2.12
N ASN A 379 8.69 19.75 1.25
CA ASN A 379 8.87 19.81 -0.20
C ASN A 379 9.84 18.75 -0.71
N GLY A 380 10.11 17.75 0.14
CA GLY A 380 11.02 16.68 -0.25
C GLY A 380 12.46 17.11 -0.44
N ARG A 381 12.80 18.27 0.11
CA ARG A 381 14.15 18.83 0.01
C ARG A 381 14.61 19.38 1.37
N TYR A 382 13.97 18.90 2.44
CA TYR A 382 14.30 19.31 3.81
C TYR A 382 14.28 20.83 3.99
N GLU A 383 13.28 21.48 3.42
CA GLU A 383 13.20 22.92 3.53
C GLU A 383 12.59 23.32 4.84
N ALA A 384 12.65 24.62 5.14
CA ALA A 384 12.09 25.12 6.39
C ALA A 384 10.58 24.98 6.37
N VAL A 385 10.04 24.47 7.47
CA VAL A 385 8.60 24.31 7.62
C VAL A 385 8.06 25.72 7.84
N PRO A 386 7.17 26.19 6.95
CA PRO A 386 6.60 27.53 7.06
C PRO A 386 5.87 27.89 8.34
N SER A 387 5.65 29.20 8.45
CA SER A 387 4.93 29.89 9.52
C SER A 387 4.46 29.10 10.76
N GLY A 388 3.15 28.98 10.90
CA GLY A 388 2.57 28.26 12.01
C GLY A 388 1.98 26.97 11.50
N THR A 389 2.79 26.20 10.78
CA THR A 389 2.37 24.89 10.29
C THR A 389 2.49 24.01 11.54
N SER A 390 1.42 23.31 11.90
CA SER A 390 1.49 22.46 13.09
C SER A 390 2.41 21.26 12.85
N THR A 391 3.02 20.78 13.94
CA THR A 391 3.96 19.67 13.86
C THR A 391 3.67 18.52 14.79
N PHE A 392 4.26 17.37 14.50
CA PHE A 392 4.13 16.15 15.29
C PHE A 392 5.57 15.66 15.37
N TYR A 393 6.19 15.84 16.54
CA TYR A 393 7.58 15.47 16.76
C TYR A 393 8.51 16.20 15.79
N GLY A 394 8.22 17.46 15.55
CA GLY A 394 9.06 18.25 14.66
C GLY A 394 8.71 18.11 13.19
N MET A 395 7.81 17.18 12.87
CA MET A 395 7.40 16.96 11.48
C MET A 395 6.17 17.80 11.16
N GLY A 396 6.22 18.52 10.05
CA GLY A 396 5.12 19.37 9.64
C GLY A 396 3.93 18.60 9.08
N TYR A 397 2.73 19.08 9.39
CA TYR A 397 1.50 18.46 8.90
C TYR A 397 1.37 18.66 7.39
N VAL A 398 0.93 17.62 6.69
CA VAL A 398 0.66 17.69 5.24
C VAL A 398 -0.72 17.08 5.04
N GLU A 399 -1.57 17.82 4.34
CA GLU A 399 -2.95 17.42 4.08
C GLU A 399 -3.06 16.18 3.19
N ASN A 400 -2.19 16.12 2.18
CA ASN A 400 -2.15 15.01 1.24
C ASN A 400 -0.70 14.57 1.06
N PRO A 401 -0.22 13.72 1.99
CA PRO A 401 1.16 13.22 1.95
C PRO A 401 1.49 12.55 0.61
N VAL A 402 2.71 12.80 0.12
CA VAL A 402 3.25 12.21 -1.10
C VAL A 402 2.62 12.52 -2.48
N TYR A 403 1.31 12.34 -2.64
CA TYR A 403 0.66 12.58 -3.94
C TYR A 403 -0.40 13.67 -3.90
N ALA A 404 -0.41 14.48 -4.96
CA ALA A 404 -1.35 15.59 -5.08
C ALA A 404 -2.24 15.49 -6.32
N ASP A 405 -2.04 14.43 -7.13
CA ASP A 405 -2.80 14.24 -8.36
C ASP A 405 -3.31 12.80 -8.54
N PRO A 406 -4.40 12.42 -7.83
CA PRO A 406 -5.15 13.26 -6.89
C PRO A 406 -4.55 13.20 -5.47
N GLY A 407 -5.06 14.04 -4.57
CA GLY A 407 -4.56 14.06 -3.21
C GLY A 407 -4.72 12.70 -2.54
N SER A 408 -3.65 12.22 -1.93
CA SER A 408 -3.64 10.91 -1.28
C SER A 408 -4.65 10.76 -0.14
N ASN A 409 -5.13 11.86 0.45
CA ASN A 409 -6.15 11.74 1.48
C ASN A 409 -7.53 12.24 1.05
N THR A 410 -7.84 12.17 -0.25
CA THR A 410 -9.16 12.58 -0.74
C THR A 410 -10.03 11.32 -0.98
N TRP A 411 -9.40 10.16 -0.94
CA TRP A 411 -10.09 8.88 -1.11
C TRP A 411 -10.55 8.39 0.27
N PHE A 412 -11.83 8.08 0.39
CA PHE A 412 -12.39 7.62 1.65
C PHE A 412 -11.80 6.27 2.11
N GLY A 413 -11.36 5.47 1.14
CA GLY A 413 -10.81 4.16 1.43
C GLY A 413 -9.73 4.15 2.49
N MET A 414 -8.91 5.20 2.55
CA MET A 414 -7.85 5.29 3.55
C MET A 414 -8.44 5.25 4.96
N GLN A 415 -9.60 5.88 5.14
CA GLN A 415 -10.28 5.91 6.43
C GLN A 415 -10.57 4.49 6.95
N VAL A 416 -11.22 3.68 6.12
CA VAL A 416 -11.60 2.33 6.50
C VAL A 416 -10.46 1.31 6.59
N TRP A 417 -9.54 1.33 5.63
CA TRP A 417 -8.42 0.41 5.65
C TRP A 417 -7.60 0.56 6.94
N SER A 418 -7.33 1.81 7.31
CA SER A 418 -6.53 2.09 8.48
C SER A 418 -7.27 1.90 9.81
N MET A 419 -8.49 2.43 9.89
CA MET A 419 -9.25 2.29 11.14
C MET A 419 -9.67 0.86 11.44
N GLN A 420 -9.68 0.00 10.42
CA GLN A 420 -10.01 -1.42 10.59
C GLN A 420 -8.96 -2.08 11.49
N ARG A 421 -7.70 -1.69 11.31
CA ARG A 421 -6.57 -2.22 12.09
C ARG A 421 -6.66 -1.76 13.53
N VAL A 422 -7.11 -0.52 13.73
CA VAL A 422 -7.32 0.04 15.06
C VAL A 422 -8.48 -0.74 15.72
N ALA A 423 -9.50 -1.10 14.95
CA ALA A 423 -10.63 -1.86 15.47
C ALA A 423 -10.19 -3.25 15.90
N GLU A 424 -9.31 -3.89 15.13
CA GLU A 424 -8.80 -5.21 15.51
C GLU A 424 -8.00 -5.14 16.83
N LEU A 425 -7.18 -4.09 16.98
CA LEU A 425 -6.37 -3.91 18.19
C LEU A 425 -7.26 -3.73 19.39
N TYR A 426 -8.27 -2.85 19.24
CA TYR A 426 -9.23 -2.58 20.31
C TYR A 426 -9.98 -3.86 20.69
N TYR A 427 -10.38 -4.65 19.70
CA TYR A 427 -11.08 -5.91 19.94
C TYR A 427 -10.21 -6.87 20.77
N LYS A 428 -8.94 -7.02 20.39
CA LYS A 428 -8.02 -7.92 21.09
C LYS A 428 -7.52 -7.48 22.47
N THR A 429 -7.31 -6.17 22.64
CA THR A 429 -6.74 -5.68 23.87
C THR A 429 -7.60 -4.73 24.70
N GLY A 430 -8.62 -4.13 24.09
CA GLY A 430 -9.45 -3.20 24.81
C GLY A 430 -8.73 -1.89 25.09
N ASP A 431 -7.62 -1.67 24.39
CA ASP A 431 -6.79 -0.49 24.54
C ASP A 431 -7.59 0.84 24.55
N ALA A 432 -7.43 1.62 25.61
CA ALA A 432 -8.11 2.91 25.81
C ALA A 432 -7.89 3.93 24.69
N ARG A 433 -6.67 3.95 24.14
CA ARG A 433 -6.33 4.89 23.06
C ARG A 433 -7.13 4.54 21.79
N ALA A 434 -7.21 3.23 21.51
CA ALA A 434 -7.97 2.74 20.36
C ALA A 434 -9.45 3.05 20.54
N LYS A 435 -9.97 2.85 21.75
CA LYS A 435 -11.38 3.12 22.06
C LYS A 435 -11.74 4.58 21.81
N LYS A 436 -10.96 5.50 22.37
CA LYS A 436 -11.22 6.92 22.19
C LYS A 436 -11.28 7.31 20.70
N LEU A 437 -10.35 6.77 19.90
CA LEU A 437 -10.30 7.06 18.46
C LEU A 437 -11.54 6.53 17.76
N LEU A 438 -11.87 5.27 18.01
CA LEU A 438 -13.02 4.61 17.39
C LEU A 438 -14.38 5.15 17.78
N ASP A 439 -14.56 5.49 19.07
CA ASP A 439 -15.85 6.04 19.52
C ASP A 439 -16.21 7.25 18.69
N LYS A 440 -15.24 8.12 18.48
CA LYS A 440 -15.47 9.34 17.71
C LYS A 440 -15.56 9.10 16.20
N TRP A 441 -14.68 8.26 15.65
CA TRP A 441 -14.70 8.00 14.21
C TRP A 441 -15.98 7.28 13.80
N ALA A 442 -16.36 6.27 14.57
CA ALA A 442 -17.56 5.51 14.27
C ALA A 442 -18.81 6.39 14.28
N LYS A 443 -18.91 7.30 15.26
CA LYS A 443 -20.07 8.19 15.34
C LYS A 443 -20.16 9.02 14.06
N TRP A 444 -19.01 9.48 13.56
CA TRP A 444 -18.97 10.27 12.33
C TRP A 444 -19.45 9.47 11.11
N ILE A 445 -18.82 8.33 10.85
CA ILE A 445 -19.17 7.51 9.69
C ILE A 445 -20.58 6.90 9.72
N ASN A 446 -21.08 6.58 10.92
CA ASN A 446 -22.42 6.02 11.03
C ASN A 446 -23.46 7.04 10.58
N GLY A 447 -23.12 8.31 10.69
CA GLY A 447 -24.02 9.37 10.24
C GLY A 447 -23.85 9.67 8.76
N GLU A 448 -22.89 9.01 8.11
CA GLU A 448 -22.63 9.22 6.70
C GLU A 448 -23.07 8.07 5.80
N ILE A 449 -23.63 7.02 6.38
CA ILE A 449 -24.09 5.88 5.59
C ILE A 449 -25.56 6.10 5.16
N LYS A 450 -25.83 6.05 3.85
CA LYS A 450 -27.19 6.26 3.33
C LYS A 450 -27.77 5.04 2.69
N PHE A 451 -28.88 4.55 3.24
CA PHE A 451 -29.59 3.38 2.73
C PHE A 451 -30.84 3.85 1.98
N ASN A 452 -31.00 3.36 0.75
CA ASN A 452 -32.14 3.72 -0.09
C ASN A 452 -33.28 2.69 -0.01
N ALA A 453 -34.49 3.13 -0.32
CA ALA A 453 -35.67 2.27 -0.28
C ALA A 453 -35.59 1.05 -1.19
N ASP A 454 -34.80 1.13 -2.26
CA ASP A 454 -34.69 0.00 -3.19
C ASP A 454 -33.57 -0.98 -2.88
N GLY A 455 -32.98 -0.88 -1.69
CA GLY A 455 -31.93 -1.80 -1.32
C GLY A 455 -30.50 -1.33 -1.63
N THR A 456 -30.34 -0.29 -2.43
CA THR A 456 -29.00 0.21 -2.73
C THR A 456 -28.52 1.09 -1.57
N PHE A 457 -27.28 1.54 -1.62
CA PHE A 457 -26.74 2.40 -0.56
C PHE A 457 -25.60 3.28 -1.08
N GLN A 458 -25.19 4.24 -0.27
CA GLN A 458 -24.09 5.13 -0.62
C GLN A 458 -23.27 5.44 0.63
N ILE A 459 -21.97 5.62 0.45
CA ILE A 459 -21.05 5.98 1.53
C ILE A 459 -20.13 7.07 0.98
N PRO A 460 -19.38 7.78 1.85
CA PRO A 460 -18.49 8.83 1.34
C PRO A 460 -17.51 8.27 0.32
N SER A 461 -17.26 9.03 -0.73
CA SER A 461 -16.35 8.59 -1.78
C SER A 461 -15.11 9.47 -1.85
N THR A 462 -15.33 10.76 -2.10
CA THR A 462 -14.28 11.76 -2.17
C THR A 462 -14.49 12.71 -1.00
N ILE A 463 -13.41 13.01 -0.29
CA ILE A 463 -13.48 13.91 0.86
C ILE A 463 -12.46 15.03 0.70
N ASP A 464 -12.67 16.11 1.42
CA ASP A 464 -11.79 17.25 1.34
C ASP A 464 -11.53 17.71 2.75
N TRP A 465 -10.55 18.60 2.88
CA TRP A 465 -10.09 19.09 4.19
C TRP A 465 -9.91 20.59 4.32
N GLU A 466 -10.00 21.05 5.56
CA GLU A 466 -9.83 22.47 5.88
C GLU A 466 -9.14 22.59 7.23
N GLY A 467 -8.21 23.53 7.32
CA GLY A 467 -7.50 23.76 8.57
C GLY A 467 -6.37 22.79 8.81
N GLN A 468 -5.98 22.65 10.06
CA GLN A 468 -4.89 21.74 10.42
C GLN A 468 -5.02 21.39 11.88
N PRO A 469 -4.44 20.25 12.29
CA PRO A 469 -4.52 19.86 13.70
C PRO A 469 -3.67 20.78 14.57
N ASP A 470 -3.94 20.80 15.87
CA ASP A 470 -3.13 21.60 16.79
C ASP A 470 -1.80 20.87 16.97
N THR A 471 -0.71 21.62 17.16
CA THR A 471 0.61 21.02 17.36
C THR A 471 0.52 20.00 18.48
N TRP A 472 1.07 18.82 18.24
CA TRP A 472 1.04 17.74 19.20
C TRP A 472 1.96 17.93 20.40
N ASN A 473 1.34 17.93 21.57
CA ASN A 473 2.05 18.05 22.84
C ASN A 473 1.68 16.74 23.51
N PRO A 474 2.61 15.76 23.51
CA PRO A 474 2.41 14.43 24.11
C PRO A 474 1.80 14.38 25.50
N THR A 475 2.05 15.39 26.33
CA THR A 475 1.51 15.42 27.69
C THR A 475 0.09 15.99 27.77
N GLN A 476 -0.21 16.96 26.90
CA GLN A 476 -1.54 17.56 26.86
C GLN A 476 -2.48 16.58 26.17
N GLY A 477 -2.01 15.96 25.09
CA GLY A 477 -2.82 15.02 24.35
C GLY A 477 -3.78 15.68 23.36
N TYR A 478 -4.87 14.99 23.07
CA TYR A 478 -5.88 15.46 22.14
C TYR A 478 -6.60 16.73 22.60
N THR A 479 -6.52 17.76 21.77
CA THR A 479 -7.15 19.04 22.05
C THR A 479 -8.57 19.12 21.45
N GLY A 480 -8.89 18.18 20.56
CA GLY A 480 -10.18 18.15 19.92
C GLY A 480 -10.10 18.68 18.50
N ASN A 481 -8.95 19.27 18.14
CA ASN A 481 -8.71 19.84 16.80
C ASN A 481 -9.93 20.57 16.23
N ALA A 482 -10.39 21.61 16.94
CA ALA A 482 -11.56 22.39 16.55
C ALA A 482 -11.43 23.09 15.21
N ASN A 483 -10.20 23.28 14.73
CA ASN A 483 -9.99 23.95 13.45
C ASN A 483 -9.59 23.04 12.29
N LEU A 484 -9.74 21.73 12.50
CA LEU A 484 -9.45 20.73 11.46
C LEU A 484 -10.80 20.09 11.09
N HIS A 485 -11.22 20.24 9.84
CA HIS A 485 -12.51 19.70 9.40
C HIS A 485 -12.45 18.88 8.12
N VAL A 486 -13.30 17.86 8.06
CA VAL A 486 -13.42 16.99 6.89
C VAL A 486 -14.70 17.42 6.19
N LYS A 487 -14.76 17.28 4.86
CA LYS A 487 -15.96 17.61 4.10
C LYS A 487 -16.14 16.47 3.12
N VAL A 488 -17.35 15.93 3.00
CA VAL A 488 -17.59 14.86 2.01
C VAL A 488 -17.99 15.58 0.74
N VAL A 489 -17.19 15.42 -0.32
CA VAL A 489 -17.44 16.05 -1.61
C VAL A 489 -18.51 15.30 -2.40
N ASN A 490 -18.42 13.97 -2.41
CA ASN A 490 -19.42 13.15 -3.08
C ASN A 490 -19.50 11.74 -2.49
N TYR A 491 -20.65 11.10 -2.71
CA TYR A 491 -20.92 9.76 -2.22
C TYR A 491 -20.87 8.76 -3.36
N GLY A 492 -20.80 7.48 -3.01
CA GLY A 492 -20.74 6.47 -4.04
C GLY A 492 -21.04 5.10 -3.48
N THR A 493 -20.80 4.10 -4.29
CA THR A 493 -21.06 2.74 -3.89
C THR A 493 -19.84 1.89 -4.17
N ASP A 494 -18.71 2.30 -3.60
CA ASP A 494 -17.48 1.53 -3.78
C ASP A 494 -17.62 0.29 -2.88
N LEU A 495 -17.79 -0.86 -3.51
CA LEU A 495 -17.99 -2.13 -2.80
C LEU A 495 -16.81 -2.59 -1.92
N GLY A 496 -15.59 -2.25 -2.31
CA GLY A 496 -14.44 -2.63 -1.49
C GLY A 496 -14.41 -1.78 -0.22
N CYS A 497 -14.64 -0.48 -0.39
CA CYS A 497 -14.65 0.44 0.75
C CYS A 497 -15.79 0.12 1.71
N ALA A 498 -16.96 -0.25 1.18
CA ALA A 498 -18.13 -0.59 1.99
C ALA A 498 -17.88 -1.88 2.77
N SER A 499 -17.17 -2.80 2.13
CA SER A 499 -16.83 -4.06 2.79
C SER A 499 -15.84 -3.78 3.92
N SER A 500 -14.84 -2.94 3.65
CA SER A 500 -13.86 -2.59 4.66
C SER A 500 -14.56 -1.85 5.80
N LEU A 501 -15.57 -1.04 5.47
CA LEU A 501 -16.33 -0.30 6.47
C LEU A 501 -17.10 -1.28 7.35
N ALA A 502 -17.73 -2.26 6.73
CA ALA A 502 -18.49 -3.28 7.47
C ALA A 502 -17.58 -4.02 8.46
N ASN A 503 -16.38 -4.36 8.00
CA ASN A 503 -15.38 -5.07 8.82
C ASN A 503 -15.01 -4.24 10.07
N THR A 504 -14.67 -2.98 9.86
CA THR A 504 -14.30 -2.07 10.94
C THR A 504 -15.42 -1.97 11.96
N LEU A 505 -16.64 -1.69 11.46
CA LEU A 505 -17.79 -1.57 12.32
C LEU A 505 -18.09 -2.87 13.08
N THR A 506 -17.86 -4.03 12.45
CA THR A 506 -18.11 -5.32 13.11
C THR A 506 -17.14 -5.53 14.28
N TYR A 507 -15.84 -5.31 14.08
CA TYR A 507 -14.89 -5.48 15.19
C TYR A 507 -15.23 -4.52 16.30
N TYR A 508 -15.52 -3.28 15.94
CA TYR A 508 -15.84 -2.26 16.93
C TYR A 508 -17.11 -2.56 17.71
N ALA A 509 -18.14 -3.07 17.02
CA ALA A 509 -19.40 -3.38 17.68
C ALA A 509 -19.26 -4.57 18.61
N ALA A 510 -18.44 -5.55 18.21
CA ALA A 510 -18.24 -6.73 19.04
C ALA A 510 -17.64 -6.38 20.40
N LYS A 511 -16.73 -5.40 20.41
CA LYS A 511 -16.09 -5.00 21.66
C LYS A 511 -16.86 -3.94 22.50
N SER A 512 -17.37 -2.92 21.84
CA SER A 512 -18.09 -1.82 22.50
C SER A 512 -19.56 -2.10 22.83
N GLY A 513 -20.17 -2.97 22.03
CA GLY A 513 -21.57 -3.28 22.22
C GLY A 513 -22.47 -2.28 21.50
N ASP A 514 -21.89 -1.35 20.73
CA ASP A 514 -22.65 -0.33 20.01
C ASP A 514 -23.57 -0.96 18.95
N GLU A 515 -24.87 -0.94 19.19
CA GLU A 515 -25.84 -1.54 18.27
C GLU A 515 -25.88 -0.88 16.90
N THR A 516 -25.74 0.44 16.89
CA THR A 516 -25.76 1.20 15.64
C THR A 516 -24.71 0.68 14.67
N SER A 517 -23.51 0.43 15.19
CA SER A 517 -22.42 -0.07 14.37
C SER A 517 -22.68 -1.49 13.88
N ARG A 518 -23.24 -2.35 14.74
CA ARG A 518 -23.54 -3.72 14.33
C ARG A 518 -24.62 -3.78 13.24
N GLN A 519 -25.69 -3.00 13.37
CA GLN A 519 -26.72 -3.07 12.35
C GLN A 519 -26.34 -2.41 11.04
N ASN A 520 -25.46 -1.41 11.10
CA ASN A 520 -25.01 -0.77 9.88
C ASN A 520 -24.08 -1.74 9.13
N ALA A 521 -23.26 -2.48 9.88
CA ALA A 521 -22.35 -3.46 9.29
C ALA A 521 -23.12 -4.57 8.62
N GLN A 522 -24.15 -5.09 9.29
CA GLN A 522 -24.95 -6.18 8.73
C GLN A 522 -25.73 -5.70 7.52
N LYS A 523 -26.30 -4.50 7.61
CA LYS A 523 -27.06 -3.93 6.50
C LYS A 523 -26.19 -3.71 5.26
N LEU A 524 -24.93 -3.31 5.47
CA LEU A 524 -24.01 -3.12 4.36
C LEU A 524 -23.73 -4.48 3.73
N LEU A 525 -23.47 -5.48 4.57
CA LEU A 525 -23.18 -6.82 4.08
C LEU A 525 -24.38 -7.42 3.32
N ASP A 526 -25.57 -7.25 3.89
CA ASP A 526 -26.80 -7.77 3.27
C ASP A 526 -27.13 -7.08 1.95
N ALA A 527 -27.00 -5.74 1.92
CA ALA A 527 -27.29 -4.95 0.73
C ALA A 527 -26.41 -5.38 -0.43
N MET A 528 -25.13 -5.61 -0.13
CA MET A 528 -24.19 -6.02 -1.17
C MET A 528 -24.50 -7.43 -1.69
N TRP A 529 -24.80 -8.34 -0.78
CA TRP A 529 -25.11 -9.72 -1.16
C TRP A 529 -26.35 -9.79 -2.04
N ASN A 530 -27.41 -9.14 -1.56
CA ASN A 530 -28.69 -9.15 -2.24
C ASN A 530 -28.80 -8.36 -3.54
N ASN A 531 -28.17 -7.20 -3.61
CA ASN A 531 -28.30 -6.36 -4.80
C ASN A 531 -27.11 -6.19 -5.73
N TYR A 532 -25.94 -6.70 -5.34
CA TYR A 532 -24.76 -6.52 -6.16
C TYR A 532 -24.03 -7.78 -6.55
N SER A 533 -24.63 -8.93 -6.29
CA SER A 533 -23.98 -10.19 -6.63
C SER A 533 -24.06 -10.46 -8.12
N ASP A 534 -23.02 -11.12 -8.63
CA ASP A 534 -22.95 -11.53 -10.01
C ASP A 534 -22.18 -12.85 -10.03
N SER A 535 -21.99 -13.45 -11.19
CA SER A 535 -21.30 -14.72 -11.27
C SER A 535 -19.83 -14.71 -10.86
N LYS A 536 -19.23 -13.52 -10.75
CA LYS A 536 -17.82 -13.38 -10.39
C LYS A 536 -17.54 -12.89 -8.98
N GLY A 537 -18.59 -12.55 -8.25
CA GLY A 537 -18.43 -12.04 -6.89
C GLY A 537 -19.45 -10.95 -6.76
N ILE A 538 -19.00 -9.71 -6.62
CA ILE A 538 -19.91 -8.59 -6.54
C ILE A 538 -19.38 -7.49 -7.44
N SER A 539 -20.27 -6.63 -7.90
CA SER A 539 -19.87 -5.54 -8.79
C SER A 539 -21.01 -4.54 -8.96
N THR A 540 -20.66 -3.36 -9.45
CA THR A 540 -21.61 -2.30 -9.73
C THR A 540 -20.98 -1.50 -10.85
N VAL A 541 -21.75 -0.61 -11.46
CA VAL A 541 -21.25 0.20 -12.54
C VAL A 541 -20.73 1.50 -11.93
N GLU A 542 -19.53 1.89 -12.33
CA GLU A 542 -18.93 3.11 -11.83
C GLU A 542 -18.40 3.95 -12.98
N GLN A 543 -18.39 5.26 -12.76
CA GLN A 543 -17.89 6.20 -13.74
C GLN A 543 -16.37 6.31 -13.60
N ARG A 544 -15.68 6.34 -14.72
CA ARG A 544 -14.22 6.47 -14.71
C ARG A 544 -13.91 7.89 -15.20
N GLY A 545 -14.11 8.87 -14.30
CA GLY A 545 -13.90 10.28 -14.58
C GLY A 545 -12.56 10.74 -15.14
N ASP A 546 -11.50 9.98 -14.90
CA ASP A 546 -10.19 10.37 -15.39
C ASP A 546 -9.75 9.65 -16.65
N TYR A 547 -10.59 8.77 -17.18
CA TYR A 547 -10.20 8.01 -18.37
C TYR A 547 -9.89 8.85 -19.61
N HIS A 548 -10.31 10.13 -19.61
CA HIS A 548 -10.01 11.03 -20.74
C HIS A 548 -8.48 11.23 -20.85
N ARG A 549 -7.77 11.03 -19.73
CA ARG A 549 -6.32 11.17 -19.68
C ARG A 549 -5.57 10.10 -20.50
N PHE A 550 -6.29 9.04 -20.89
CA PHE A 550 -5.72 8.00 -21.73
C PHE A 550 -5.25 8.69 -23.02
N LEU A 551 -6.09 9.59 -23.52
CA LEU A 551 -5.83 10.29 -24.76
C LEU A 551 -5.23 11.70 -24.66
N ASP A 552 -5.57 12.45 -23.63
CA ASP A 552 -5.06 13.81 -23.57
C ASP A 552 -3.94 14.14 -22.59
N GLN A 553 -3.49 13.16 -21.82
CA GLN A 553 -2.43 13.40 -20.84
C GLN A 553 -1.04 13.29 -21.44
N GLU A 554 -0.34 14.40 -21.47
CA GLU A 554 1.01 14.41 -22.00
C GLU A 554 1.97 13.88 -20.94
N VAL A 555 2.93 13.08 -21.37
CA VAL A 555 3.94 12.52 -20.48
C VAL A 555 5.24 13.31 -20.69
N PHE A 556 5.87 13.78 -19.61
CA PHE A 556 7.09 14.53 -19.74
C PHE A 556 8.31 13.66 -20.03
N VAL A 557 9.05 14.05 -21.06
CA VAL A 557 10.28 13.37 -21.45
C VAL A 557 11.28 14.53 -21.59
N PRO A 558 12.42 14.45 -20.89
CA PRO A 558 13.41 15.54 -20.99
C PRO A 558 13.96 15.83 -22.40
N ALA A 559 14.30 17.09 -22.63
CA ALA A 559 14.84 17.56 -23.91
C ALA A 559 16.01 16.74 -24.43
N GLY A 560 15.89 16.22 -25.64
CA GLY A 560 16.96 15.43 -26.23
C GLY A 560 16.94 13.95 -25.90
N TRP A 561 16.10 13.55 -24.97
CA TRP A 561 16.02 12.14 -24.57
C TRP A 561 15.06 11.38 -25.47
N THR A 562 15.52 10.27 -26.05
CA THR A 562 14.63 9.43 -26.84
C THR A 562 14.96 8.00 -26.53
N GLY A 563 13.94 7.16 -26.54
CA GLY A 563 14.12 5.74 -26.27
C GLY A 563 12.96 4.96 -26.85
N LYS A 564 12.95 3.67 -26.60
CA LYS A 564 11.86 2.84 -27.10
C LYS A 564 11.40 1.89 -26.01
N MET A 565 10.11 1.59 -26.00
CA MET A 565 9.56 0.63 -25.06
C MET A 565 9.84 -0.71 -25.77
N PRO A 566 9.82 -1.84 -25.03
CA PRO A 566 10.09 -3.13 -25.66
C PRO A 566 9.30 -3.45 -26.95
N ASN A 567 8.06 -2.97 -27.05
CA ASN A 567 7.25 -3.24 -28.23
C ASN A 567 7.52 -2.27 -29.39
N GLY A 568 8.49 -1.38 -29.21
CA GLY A 568 8.80 -0.42 -30.26
C GLY A 568 8.23 0.98 -30.09
N ASP A 569 7.31 1.19 -29.16
CA ASP A 569 6.75 2.52 -28.95
C ASP A 569 7.86 3.51 -28.66
N VAL A 570 7.85 4.63 -29.34
CA VAL A 570 8.87 5.65 -29.17
C VAL A 570 8.57 6.57 -27.99
N ILE A 571 9.58 6.73 -27.14
CA ILE A 571 9.49 7.61 -25.97
C ILE A 571 10.28 8.88 -26.35
N LYS A 572 9.58 10.01 -26.37
CA LYS A 572 10.17 11.30 -26.71
C LYS A 572 9.18 12.37 -26.32
N SER A 573 9.68 13.59 -26.17
CA SER A 573 8.83 14.72 -25.81
C SER A 573 7.61 14.78 -26.73
N GLY A 574 6.45 15.03 -26.15
CA GLY A 574 5.22 15.10 -26.91
C GLY A 574 4.30 13.92 -26.78
N VAL A 575 4.80 12.77 -26.34
CA VAL A 575 3.97 11.57 -26.20
C VAL A 575 2.86 11.72 -25.17
N LYS A 576 1.76 11.01 -25.42
CA LYS A 576 0.62 10.99 -24.51
C LYS A 576 0.68 9.61 -23.85
N PHE A 577 -0.15 9.41 -22.83
CA PHE A 577 -0.22 8.15 -22.10
C PHE A 577 -0.32 6.93 -23.04
N ILE A 578 -1.25 6.98 -23.98
CA ILE A 578 -1.48 5.89 -24.91
C ILE A 578 -0.33 5.62 -25.89
N ASP A 579 0.46 6.64 -26.21
CA ASP A 579 1.58 6.50 -27.15
C ASP A 579 2.71 5.57 -26.74
N ILE A 580 2.90 5.42 -25.42
CA ILE A 580 3.94 4.53 -24.93
C ILE A 580 3.35 3.22 -24.36
N ARG A 581 2.07 2.97 -24.66
CA ARG A 581 1.34 1.76 -24.24
C ARG A 581 0.35 1.41 -25.36
N SER A 582 0.83 1.36 -26.60
CA SER A 582 -0.04 1.11 -27.74
C SER A 582 -0.77 -0.22 -27.75
N LYS A 583 -0.33 -1.18 -26.92
CA LYS A 583 -0.99 -2.47 -26.83
C LYS A 583 -2.38 -2.34 -26.25
N TYR A 584 -2.63 -1.24 -25.54
CA TYR A 584 -3.93 -0.97 -24.96
C TYR A 584 -5.01 -0.87 -26.05
N LYS A 585 -4.62 -0.54 -27.28
CA LYS A 585 -5.60 -0.45 -28.35
C LYS A 585 -6.19 -1.81 -28.72
N GLN A 586 -5.55 -2.89 -28.27
CA GLN A 586 -6.02 -4.25 -28.54
C GLN A 586 -6.94 -4.78 -27.42
N ASP A 587 -7.14 -3.98 -26.38
CA ASP A 587 -8.01 -4.39 -25.28
C ASP A 587 -9.46 -4.51 -25.77
N PRO A 588 -10.19 -5.55 -25.29
CA PRO A 588 -11.59 -5.76 -25.67
C PRO A 588 -12.52 -4.59 -25.36
N GLU A 589 -12.19 -3.81 -24.33
CA GLU A 589 -12.99 -2.65 -23.94
C GLU A 589 -12.54 -1.33 -24.55
N TRP A 590 -11.44 -1.34 -25.32
CA TRP A 590 -10.91 -0.09 -25.91
C TRP A 590 -11.88 0.72 -26.77
N GLN A 591 -12.49 0.09 -27.77
CA GLN A 591 -13.44 0.78 -28.67
C GLN A 591 -14.60 1.37 -27.88
N THR A 592 -15.11 0.60 -26.91
CA THR A 592 -16.22 1.08 -26.08
C THR A 592 -15.82 2.33 -25.30
N MET A 593 -14.60 2.34 -24.76
CA MET A 593 -14.16 3.52 -24.02
C MET A 593 -13.95 4.74 -24.93
N VAL A 594 -13.24 4.56 -26.02
CA VAL A 594 -13.00 5.68 -26.96
C VAL A 594 -14.33 6.20 -27.52
N ALA A 595 -15.26 5.30 -27.84
CA ALA A 595 -16.56 5.70 -28.36
C ALA A 595 -17.25 6.62 -27.34
N ALA A 596 -17.13 6.30 -26.05
CA ALA A 596 -17.75 7.13 -25.01
C ALA A 596 -17.09 8.50 -24.95
N LEU A 597 -15.76 8.55 -25.01
CA LEU A 597 -15.03 9.82 -24.98
C LEU A 597 -15.39 10.70 -26.18
N GLN A 598 -15.57 10.08 -27.35
CA GLN A 598 -15.91 10.79 -28.60
C GLN A 598 -17.28 11.42 -28.51
N ALA A 599 -18.22 10.74 -27.86
CA ALA A 599 -19.56 11.24 -27.69
C ALA A 599 -19.67 12.26 -26.54
N GLY A 600 -18.53 12.60 -25.93
CA GLY A 600 -18.50 13.54 -24.82
C GLY A 600 -19.07 13.01 -23.51
N GLN A 601 -19.08 11.69 -23.36
CA GLN A 601 -19.60 11.04 -22.15
C GLN A 601 -18.49 10.51 -21.24
N VAL A 602 -18.81 10.35 -19.95
CA VAL A 602 -17.84 9.79 -19.01
C VAL A 602 -17.93 8.27 -19.13
N PRO A 603 -16.80 7.59 -19.41
CA PRO A 603 -16.83 6.13 -19.54
C PRO A 603 -17.22 5.47 -18.22
N THR A 604 -17.91 4.34 -18.31
CA THR A 604 -18.29 3.59 -17.12
C THR A 604 -17.74 2.17 -17.24
N GLN A 605 -17.57 1.51 -16.09
CA GLN A 605 -17.07 0.15 -16.04
C GLN A 605 -17.68 -0.63 -14.90
N ARG A 606 -17.68 -1.94 -15.04
CA ARG A 606 -18.19 -2.85 -14.02
C ARG A 606 -16.91 -3.60 -13.69
N LEU A 607 -16.31 -3.30 -12.55
CA LEU A 607 -15.04 -3.91 -12.22
C LEU A 607 -14.98 -4.92 -11.10
N HIS A 608 -14.08 -5.90 -11.27
CA HIS A 608 -13.87 -6.93 -10.27
C HIS A 608 -12.43 -6.85 -9.77
N ARG A 609 -12.19 -5.95 -8.83
CA ARG A 609 -10.87 -5.75 -8.21
C ARG A 609 -10.67 -6.85 -7.19
N PHE A 610 -9.55 -7.57 -7.29
CA PHE A 610 -9.25 -8.68 -6.39
C PHE A 610 -9.35 -8.32 -4.92
N TRP A 611 -8.76 -7.19 -4.54
CA TRP A 611 -8.80 -6.76 -3.16
C TRP A 611 -10.22 -6.51 -2.68
N ALA A 612 -11.07 -5.88 -3.50
CA ALA A 612 -12.46 -5.60 -3.12
C ALA A 612 -13.28 -6.88 -2.92
N GLN A 613 -13.08 -7.88 -3.78
CA GLN A 613 -13.78 -9.16 -3.69
C GLN A 613 -13.35 -9.88 -2.43
N SER A 614 -12.04 -9.86 -2.15
CA SER A 614 -11.50 -10.50 -0.94
C SER A 614 -11.97 -9.76 0.31
N GLU A 615 -11.99 -8.42 0.24
CA GLU A 615 -12.45 -7.57 1.33
C GLU A 615 -13.88 -7.95 1.70
N PHE A 616 -14.72 -8.18 0.69
CA PHE A 616 -16.11 -8.54 0.92
C PHE A 616 -16.19 -9.91 1.55
N ALA A 617 -15.46 -10.86 1.00
CA ALA A 617 -15.45 -12.21 1.52
C ALA A 617 -15.00 -12.21 2.99
N VAL A 618 -13.87 -11.57 3.27
CA VAL A 618 -13.35 -11.49 4.63
C VAL A 618 -14.34 -10.83 5.59
N ALA A 619 -14.98 -9.74 5.14
CA ALA A 619 -15.95 -9.03 5.96
C ALA A 619 -17.12 -9.96 6.41
N ASN A 620 -17.51 -10.88 5.52
CA ASN A 620 -18.57 -11.83 5.83
C ASN A 620 -18.08 -12.83 6.88
N GLY A 621 -16.83 -13.28 6.76
CA GLY A 621 -16.28 -14.22 7.71
C GLY A 621 -16.12 -13.63 9.11
N VAL A 622 -15.73 -12.36 9.14
CA VAL A 622 -15.53 -11.65 10.39
C VAL A 622 -16.85 -11.53 11.12
N TYR A 623 -17.92 -11.23 10.38
CA TYR A 623 -19.23 -11.08 10.98
C TYR A 623 -19.73 -12.45 11.48
N ALA A 624 -19.50 -13.49 10.70
CA ALA A 624 -19.91 -14.84 11.08
C ALA A 624 -19.25 -15.27 12.40
N ILE A 625 -17.98 -14.89 12.59
CA ILE A 625 -17.23 -15.24 13.81
C ILE A 625 -17.60 -14.42 15.05
N LEU A 626 -17.77 -13.11 14.87
CA LEU A 626 -18.08 -12.22 15.97
C LEU A 626 -19.54 -12.15 16.41
N PHE A 627 -20.45 -12.53 15.50
CA PHE A 627 -21.88 -12.50 15.78
C PHE A 627 -22.53 -13.82 15.34
N PRO A 628 -22.20 -14.93 16.04
CA PRO A 628 -22.69 -16.29 15.81
C PRO A 628 -24.20 -16.47 15.84
N ASP A 629 -24.87 -15.70 16.69
CA ASP A 629 -26.33 -15.79 16.82
C ASP A 629 -27.09 -14.92 15.81
C1 GLC B . -11.57 5.11 -7.22
C2 GLC B . -10.40 5.80 -6.53
C3 GLC B . -9.17 4.89 -6.59
C4 GLC B . -9.51 3.51 -6.02
C5 GLC B . -10.77 2.93 -6.69
C6 GLC B . -11.24 1.63 -6.07
O1 GLC B . -12.69 5.91 -7.08
O2 GLC B . -10.13 7.03 -7.16
O3 GLC B . -8.11 5.47 -5.83
O4 GLC B . -8.42 2.62 -6.32
O5 GLC B . -11.86 3.87 -6.58
O6 GLC B . -11.48 1.78 -4.68
C1 GLC B . -7.72 2.09 -5.27
C2 GLC B . -6.90 0.93 -5.82
C3 GLC B . -5.99 0.35 -4.74
C4 GLC B . -5.10 1.51 -4.22
C5 GLC B . -6.00 2.65 -3.71
C6 GLC B . -5.25 3.85 -3.16
O2 GLC B . -7.79 -0.08 -6.30
O3 GLC B . -5.19 -0.67 -5.32
O4 GLC B . -4.28 1.04 -3.16
O5 GLC B . -6.84 3.11 -4.76
O6 GLC B . -4.28 4.32 -4.09
CA CA C . 0.12 15.93 -12.70
#